data_3VGA
#
_entry.id   3VGA
#
_cell.length_a   120.313
_cell.length_b   89.766
_cell.length_c   110.682
_cell.angle_alpha   90.00
_cell.angle_beta   96.14
_cell.angle_gamma   90.00
#
_symmetry.space_group_name_H-M   'C 1 2 1'
#
loop_
_entity.id
_entity.type
_entity.pdbx_description
1 polymer 'Adenosine receptor A2a'
2 polymer 'antibody fab fragment light chain'
3 polymer 'antibody fab fragment heavy chain'
4 non-polymer 4-{2-[(7-amino-2-furan-2-yl[1,2,4]triazolo[1,5-a][1,3,5]triazin-5-yl)amino]ethyl}phenol
5 water water
#
loop_
_entity_poly.entity_id
_entity_poly.type
_entity_poly.pdbx_seq_one_letter_code
_entity_poly.pdbx_strand_id
1 'polypeptide(L)'
;MPIMGSSVYITVELAIAVLAILGNVLVCWAVWLNSNLQNVTNYFVVSLAAADIAVGVLAIPFAITISTGFCAACHGCLFI
ACFVLVLTQSSIFSLLAIAIDRYIAIRIPLRYNGLVTGTRAKGIIAICWVLSFAIGLTPMLGWNNCGQPKEGKQHSQGCG
EGQVACLFEDVVPMNYMVYFNFFACVLVPLLLMLGVYLRIFLAARRQLKQMESQPLPGERARSTLQKEVHAAKSLAIIVG
LFALCWLPLHIINCFTFFCPDCSHAPLWLMYLAIVLSHTNSVVNPFIYAYRIREFRQTFRKIIRSHVLRQQEPFKAHHHH
HHHHHH
;
A
2 'polypeptide(L)'
;DIVMTQSPASLSASVGDTVTITCRASEFIYSSLTWYQQKQGGSPQLLVYAATNLADAVPSRFSGSGSGTQFSLKINRLQP
EDFGTYYCQHFYGSTWAFGGGTKLEIKRADAAPTVSIFPPSSEQLTSGGASVVCFLNNFYPKDINVKWKIDGSERQNGVL
NSWTDQDSKDSTYSMSSTLTLTKDEYERHNSYTCEATHKTSTSPIVKSFNRNEC
;
B
3 'polypeptide(L)'
;EVQLQQSGAELVKPGSSVKISCKTSGDSFTAYNMNWVKQSHGKSLEWIGNINPYYGSTRYNQKFKGKATLTVDKSSSTAY
IQLNSLTSEDSAVYYCAREGNYYDGGSVRYFDYWGQGTTLTVSSAKTTAPSVYPLAPVCGDTSGSSVTLGCLVKGYFPEP
VTLTWNSGSLSSGVHTFPAVLQSDLYTLSSSVTVTSSTWPSQSITCNVAHPASSTKVDKKIEPRGP
;
C
#
# COMPACT_ATOMS: atom_id res chain seq x y z
N SER A 6 17.31 31.48 -44.84
CA SER A 6 16.91 30.15 -44.42
C SER A 6 17.91 29.56 -43.43
N SER A 7 18.90 30.37 -43.04
CA SER A 7 19.84 29.99 -41.99
C SER A 7 19.12 29.87 -40.66
N VAL A 8 17.89 30.38 -40.62
CA VAL A 8 17.02 30.29 -39.45
C VAL A 8 16.35 28.91 -39.35
N TYR A 9 15.95 28.36 -40.49
CA TYR A 9 15.46 26.99 -40.54
C TYR A 9 16.52 26.03 -39.98
N ILE A 10 17.79 26.44 -40.02
CA ILE A 10 18.85 25.65 -39.42
C ILE A 10 18.86 25.77 -37.90
N THR A 11 18.80 26.99 -37.40
CA THR A 11 18.88 27.26 -35.95
C THR A 11 17.73 26.66 -35.16
N VAL A 12 16.55 26.60 -35.78
CA VAL A 12 15.38 26.04 -35.13
C VAL A 12 15.46 24.52 -35.15
N GLU A 13 15.97 23.96 -36.24
CA GLU A 13 16.13 22.51 -36.36
C GLU A 13 17.13 21.96 -35.33
N LEU A 14 18.24 22.65 -35.14
CA LEU A 14 19.22 22.27 -34.12
C LEU A 14 18.67 22.53 -32.72
N ALA A 15 17.87 23.57 -32.58
CA ALA A 15 17.25 23.90 -31.30
C ALA A 15 16.28 22.79 -30.90
N ILE A 16 15.63 22.23 -31.92
CA ILE A 16 14.75 21.08 -31.77
C ILE A 16 15.54 19.79 -31.66
N ALA A 17 16.63 19.67 -32.41
CA ALA A 17 17.49 18.50 -32.32
C ALA A 17 17.85 18.23 -30.87
N VAL A 18 18.55 19.17 -30.25
CA VAL A 18 19.04 19.02 -28.89
C VAL A 18 17.87 18.85 -27.94
N LEU A 19 16.89 19.73 -28.03
CA LEU A 19 15.73 19.66 -27.12
C LEU A 19 15.21 18.23 -27.05
N ALA A 20 15.02 17.61 -28.20
CA ALA A 20 14.43 16.27 -28.30
C ALA A 20 15.29 15.21 -27.64
N ILE A 21 16.61 15.30 -27.82
CA ILE A 21 17.47 14.30 -27.21
C ILE A 21 17.44 14.44 -25.68
N LEU A 22 17.52 15.68 -25.21
CA LEU A 22 17.52 15.92 -23.77
C LEU A 22 16.27 15.36 -23.09
N GLY A 23 15.11 15.96 -23.37
CA GLY A 23 13.85 15.54 -22.79
C GLY A 23 13.61 14.06 -22.85
N ASN A 24 13.91 13.43 -23.98
CA ASN A 24 13.60 12.00 -24.16
C ASN A 24 14.55 11.03 -23.49
N VAL A 25 15.79 11.47 -23.31
CA VAL A 25 16.73 10.66 -22.57
C VAL A 25 16.36 10.68 -21.09
N LEU A 26 15.69 11.76 -20.68
CA LEU A 26 15.27 11.95 -19.31
C LEU A 26 14.11 11.00 -19.00
N VAL A 27 13.19 10.89 -19.94
CA VAL A 27 12.12 9.90 -19.87
C VAL A 27 12.67 8.48 -19.68
N CYS A 28 13.70 8.14 -20.46
CA CYS A 28 14.31 6.81 -20.38
C CYS A 28 15.12 6.65 -19.10
N TRP A 29 15.70 7.76 -18.66
CA TRP A 29 16.48 7.78 -17.43
C TRP A 29 15.53 7.64 -16.26
N ALA A 30 14.40 8.35 -16.35
CA ALA A 30 13.39 8.18 -15.33
C ALA A 30 12.99 6.71 -15.21
N VAL A 31 12.50 6.11 -16.29
CA VAL A 31 11.99 4.74 -16.21
C VAL A 31 13.05 3.75 -15.74
N TRP A 32 14.29 3.95 -16.17
CA TRP A 32 15.33 3.06 -15.72
C TRP A 32 15.40 3.14 -14.20
N LEU A 33 15.17 4.33 -13.69
CA LEU A 33 15.53 4.68 -12.32
C LEU A 33 14.43 4.39 -11.29
N ASN A 34 13.28 5.07 -11.44
CA ASN A 34 12.13 4.84 -10.56
C ASN A 34 11.55 3.48 -10.82
N SER A 35 11.48 2.68 -9.76
CA SER A 35 11.02 1.31 -9.84
C SER A 35 9.56 1.22 -10.26
N ASN A 36 8.75 2.19 -9.86
CA ASN A 36 7.33 2.17 -10.16
C ASN A 36 7.08 2.39 -11.65
N LEU A 37 8.03 3.04 -12.32
CA LEU A 37 7.88 3.42 -13.72
C LEU A 37 8.05 2.25 -14.67
N GLN A 38 8.60 1.15 -14.16
CA GLN A 38 8.92 0.03 -15.01
C GLN A 38 7.72 -0.90 -15.05
N ASN A 39 7.03 -0.87 -16.18
CA ASN A 39 5.86 -1.69 -16.42
C ASN A 39 5.60 -1.74 -17.92
N VAL A 40 4.82 -2.71 -18.36
CA VAL A 40 4.51 -2.84 -19.76
C VAL A 40 4.06 -1.53 -20.41
N THR A 41 3.09 -0.87 -19.79
CA THR A 41 2.57 0.37 -20.37
C THR A 41 3.71 1.34 -20.67
N ASN A 42 4.76 1.28 -19.86
CA ASN A 42 5.86 2.19 -20.02
C ASN A 42 7.00 1.72 -20.91
N TYR A 43 6.95 0.47 -21.33
CA TYR A 43 7.93 0.01 -22.30
C TYR A 43 7.54 0.60 -23.65
N PHE A 44 6.24 0.72 -23.85
CA PHE A 44 5.75 1.29 -25.09
C PHE A 44 5.99 2.78 -25.09
N VAL A 45 6.14 3.36 -23.91
CA VAL A 45 6.49 4.77 -23.78
C VAL A 45 7.98 4.97 -24.01
N VAL A 46 8.79 4.02 -23.56
CA VAL A 46 10.24 4.07 -23.79
C VAL A 46 10.62 3.81 -25.25
N SER A 47 9.95 2.83 -25.86
CA SER A 47 10.06 2.60 -27.28
C SER A 47 9.72 3.89 -27.98
N LEU A 48 8.76 4.61 -27.41
CA LEU A 48 8.32 5.90 -27.95
C LEU A 48 9.37 7.01 -27.77
N ALA A 49 10.13 6.95 -26.69
CA ALA A 49 11.13 7.98 -26.39
C ALA A 49 12.37 7.75 -27.22
N ALA A 50 12.77 6.48 -27.38
CA ALA A 50 14.00 6.15 -28.10
C ALA A 50 13.77 6.39 -29.56
N ALA A 51 12.57 6.09 -30.04
CA ALA A 51 12.18 6.44 -31.39
C ALA A 51 12.12 7.96 -31.60
N ASP A 52 12.06 8.73 -30.51
CA ASP A 52 12.20 10.19 -30.60
C ASP A 52 13.63 10.68 -30.38
N ILE A 53 14.51 9.80 -29.91
CA ILE A 53 15.92 10.16 -29.76
C ILE A 53 16.63 10.00 -31.09
N ALA A 54 16.21 9.00 -31.86
CA ALA A 54 16.78 8.79 -33.18
C ALA A 54 16.60 10.06 -34.01
N VAL A 55 15.41 10.65 -33.93
CA VAL A 55 15.05 11.87 -34.65
C VAL A 55 16.00 13.03 -34.38
N GLY A 56 16.36 13.22 -33.12
CA GLY A 56 17.31 14.25 -32.74
C GLY A 56 18.71 13.87 -33.19
N VAL A 57 19.07 12.60 -33.01
CA VAL A 57 20.40 12.14 -33.37
C VAL A 57 20.58 11.93 -34.87
N LEU A 58 19.57 11.37 -35.52
CA LEU A 58 19.69 10.98 -36.92
C LEU A 58 18.92 11.86 -37.92
N ALA A 59 17.59 11.82 -37.85
CA ALA A 59 16.75 12.39 -38.90
C ALA A 59 16.80 13.91 -39.11
N ILE A 60 17.15 14.68 -38.09
CA ILE A 60 17.36 16.11 -38.29
C ILE A 60 18.65 16.42 -39.07
N PRO A 61 19.78 15.86 -38.61
CA PRO A 61 20.98 15.97 -39.45
C PRO A 61 20.68 15.47 -40.88
N PHE A 62 19.80 14.49 -41.01
CA PHE A 62 19.35 13.99 -42.31
C PHE A 62 18.48 15.02 -43.01
N ALA A 63 17.61 15.68 -42.25
CA ALA A 63 16.62 16.60 -42.81
C ALA A 63 17.20 17.96 -43.11
N ILE A 64 18.23 18.36 -42.39
CA ILE A 64 18.86 19.66 -42.62
C ILE A 64 19.81 19.57 -43.82
N THR A 65 20.34 18.38 -44.01
CA THR A 65 21.25 18.02 -45.10
C THR A 65 20.52 17.85 -46.42
N ILE A 66 19.29 17.33 -46.35
CA ILE A 66 18.47 17.18 -47.54
C ILE A 66 18.07 18.56 -48.08
N SER A 67 18.18 19.58 -47.24
CA SER A 67 17.87 20.94 -47.66
C SER A 67 18.87 21.51 -48.69
N THR A 68 20.03 20.86 -48.81
CA THR A 68 21.06 21.30 -49.73
C THR A 68 20.78 20.87 -51.17
N GLY A 69 20.28 19.65 -51.31
CA GLY A 69 20.11 19.03 -52.61
C GLY A 69 21.40 18.48 -53.19
N PHE A 70 22.15 17.75 -52.36
CA PHE A 70 23.43 17.18 -52.76
C PHE A 70 23.27 15.99 -53.72
N CYS A 71 24.39 15.37 -54.08
CA CYS A 71 24.37 14.23 -54.99
C CYS A 71 24.69 12.94 -54.25
N ALA A 72 24.09 11.84 -54.69
CA ALA A 72 24.41 10.53 -54.15
C ALA A 72 23.64 9.44 -54.87
N ALA A 73 24.13 8.21 -54.74
CA ALA A 73 23.56 7.05 -55.42
C ALA A 73 22.12 6.87 -55.01
N CYS A 74 21.24 6.71 -56.01
CA CYS A 74 19.80 6.62 -55.78
C CYS A 74 19.42 5.66 -54.64
N HIS A 75 20.02 4.47 -54.62
CA HIS A 75 19.65 3.44 -53.63
C HIS A 75 20.25 3.63 -52.23
N GLY A 76 21.36 4.37 -52.15
CA GLY A 76 21.89 4.78 -50.86
C GLY A 76 21.28 6.11 -50.44
N CYS A 77 20.80 6.85 -51.42
CA CYS A 77 20.19 8.16 -51.22
C CYS A 77 18.79 8.02 -50.60
N LEU A 78 18.06 6.99 -51.02
CA LEU A 78 16.72 6.75 -50.51
C LEU A 78 16.74 6.46 -49.01
N PHE A 79 17.90 6.04 -48.50
CA PHE A 79 18.04 5.77 -47.08
C PHE A 79 18.01 7.05 -46.22
N ILE A 80 18.66 8.12 -46.70
CA ILE A 80 18.79 9.34 -45.92
C ILE A 80 17.56 10.25 -45.91
N ALA A 81 16.72 10.16 -46.94
CA ALA A 81 15.46 10.88 -46.98
C ALA A 81 14.33 10.16 -46.19
N CYS A 82 14.31 8.84 -46.32
CA CYS A 82 13.27 7.98 -45.79
C CYS A 82 13.53 7.33 -44.44
N PHE A 83 14.58 7.72 -43.73
CA PHE A 83 14.73 7.19 -42.39
C PHE A 83 13.65 7.69 -41.41
N VAL A 84 13.29 8.96 -41.53
CA VAL A 84 12.19 9.54 -40.75
C VAL A 84 10.89 8.72 -40.84
N LEU A 85 10.61 8.18 -42.02
CA LEU A 85 9.43 7.34 -42.22
C LEU A 85 9.46 6.14 -41.29
N VAL A 86 10.66 5.62 -41.08
CA VAL A 86 10.84 4.44 -40.22
C VAL A 86 10.52 4.76 -38.75
N LEU A 87 10.82 6.00 -38.35
CA LEU A 87 10.57 6.46 -36.98
C LEU A 87 9.11 6.86 -36.76
N THR A 88 8.66 7.86 -37.51
CA THR A 88 7.28 8.32 -37.42
C THR A 88 6.33 7.12 -37.37
N GLN A 89 6.66 6.10 -38.15
CA GLN A 89 5.85 4.90 -38.18
C GLN A 89 6.07 4.01 -36.95
N SER A 90 7.28 4.00 -36.39
CA SER A 90 7.53 3.23 -35.17
C SER A 90 6.82 3.89 -33.98
N SER A 91 6.74 5.21 -34.03
CA SER A 91 5.95 5.97 -33.08
C SER A 91 4.54 5.40 -33.01
N ILE A 92 3.93 5.30 -34.18
CA ILE A 92 2.50 5.02 -34.29
C ILE A 92 2.10 3.65 -33.71
N PHE A 93 2.91 2.64 -33.96
CA PHE A 93 2.65 1.31 -33.42
C PHE A 93 2.70 1.34 -31.89
N SER A 94 3.56 2.18 -31.33
CA SER A 94 3.62 2.29 -29.88
C SER A 94 2.38 2.98 -29.28
N LEU A 95 2.04 4.18 -29.78
CA LEU A 95 0.83 4.88 -29.33
C LEU A 95 -0.35 3.94 -29.38
N LEU A 96 -0.42 3.16 -30.44
CA LEU A 96 -1.53 2.24 -30.64
C LEU A 96 -1.40 1.06 -29.70
N ALA A 97 -0.17 0.66 -29.40
CA ALA A 97 0.07 -0.41 -28.43
C ALA A 97 -0.45 0.01 -27.06
N ILE A 98 0.07 1.15 -26.61
CA ILE A 98 -0.33 1.79 -25.38
C ILE A 98 -1.85 1.88 -25.25
N ALA A 99 -2.51 2.42 -26.27
CA ALA A 99 -3.96 2.59 -26.27
C ALA A 99 -4.65 1.28 -25.98
N ILE A 100 -4.26 0.25 -26.71
CA ILE A 100 -4.82 -1.07 -26.53
C ILE A 100 -4.61 -1.47 -25.09
N ASP A 101 -3.38 -1.29 -24.62
CA ASP A 101 -3.04 -1.59 -23.25
C ASP A 101 -4.00 -0.95 -22.25
N ARG A 102 -4.21 0.37 -22.36
CA ARG A 102 -5.12 1.07 -21.46
C ARG A 102 -6.52 0.54 -21.62
N TYR A 103 -6.91 0.27 -22.87
CA TYR A 103 -8.23 -0.27 -23.15
C TYR A 103 -8.43 -1.61 -22.44
N ILE A 104 -7.49 -2.51 -22.65
CA ILE A 104 -7.56 -3.80 -21.97
C ILE A 104 -7.57 -3.63 -20.47
N ALA A 105 -6.65 -2.81 -19.98
CA ALA A 105 -6.48 -2.58 -18.55
C ALA A 105 -7.73 -2.06 -17.85
N ILE A 106 -8.38 -1.07 -18.48
CA ILE A 106 -9.60 -0.45 -17.95
C ILE A 106 -10.92 -1.17 -18.28
N ARG A 107 -11.07 -1.62 -19.52
CA ARG A 107 -12.31 -2.26 -19.93
C ARG A 107 -12.39 -3.73 -19.48
N ILE A 108 -11.27 -4.42 -19.45
CA ILE A 108 -11.25 -5.84 -19.08
C ILE A 108 -10.28 -6.08 -17.92
N PRO A 109 -10.53 -5.42 -16.79
CA PRO A 109 -9.52 -5.34 -15.73
C PRO A 109 -9.09 -6.70 -15.18
N LEU A 110 -10.00 -7.68 -15.16
CA LEU A 110 -9.73 -8.98 -14.50
C LEU A 110 -8.80 -9.89 -15.31
N ARG A 111 -8.91 -9.84 -16.64
CA ARG A 111 -8.14 -10.69 -17.53
C ARG A 111 -6.78 -10.08 -17.84
N TYR A 112 -6.57 -8.83 -17.42
CA TYR A 112 -5.40 -8.06 -17.82
C TYR A 112 -4.10 -8.62 -17.26
N ASN A 113 -4.03 -8.78 -15.94
CA ASN A 113 -2.78 -9.11 -15.28
C ASN A 113 -2.04 -10.28 -15.94
N GLY A 114 -2.82 -11.29 -16.35
CA GLY A 114 -2.26 -12.47 -16.98
C GLY A 114 -2.25 -12.40 -18.50
N LEU A 115 -3.06 -11.51 -19.06
CA LEU A 115 -3.08 -11.32 -20.51
C LEU A 115 -1.86 -10.53 -20.97
N VAL A 116 -1.73 -9.30 -20.50
CA VAL A 116 -0.55 -8.46 -20.77
C VAL A 116 0.60 -8.83 -19.83
N THR A 117 1.76 -9.17 -20.41
CA THR A 117 2.95 -9.46 -19.62
C THR A 117 4.18 -8.79 -20.24
N GLY A 118 5.28 -8.72 -19.50
CA GLY A 118 6.46 -8.00 -19.93
C GLY A 118 7.10 -8.57 -21.20
N THR A 119 7.13 -9.89 -21.29
CA THR A 119 7.74 -10.56 -22.43
C THR A 119 6.82 -10.57 -23.67
N ARG A 120 5.51 -10.56 -23.46
CA ARG A 120 4.57 -10.36 -24.56
C ARG A 120 4.74 -8.94 -25.10
N ALA A 121 5.20 -8.04 -24.23
CA ALA A 121 5.42 -6.65 -24.58
C ALA A 121 6.64 -6.49 -25.47
N LYS A 122 7.67 -7.30 -25.21
CA LYS A 122 8.86 -7.33 -26.06
C LYS A 122 8.53 -7.74 -27.49
N GLY A 123 7.70 -8.78 -27.60
CA GLY A 123 7.31 -9.31 -28.90
C GLY A 123 6.79 -8.21 -29.80
N ILE A 124 5.82 -7.46 -29.27
CA ILE A 124 5.22 -6.35 -30.01
C ILE A 124 6.27 -5.34 -30.46
N ILE A 125 7.07 -4.88 -29.49
CA ILE A 125 8.03 -3.81 -29.72
C ILE A 125 9.01 -4.23 -30.81
N ALA A 126 9.42 -5.50 -30.77
CA ALA A 126 10.25 -6.09 -31.83
C ALA A 126 9.56 -6.03 -33.20
N ILE A 127 8.46 -6.76 -33.32
CA ILE A 127 7.68 -6.81 -34.55
C ILE A 127 7.38 -5.42 -35.11
N CYS A 128 7.13 -4.46 -34.22
CA CYS A 128 6.82 -3.10 -34.62
C CYS A 128 8.03 -2.35 -35.15
N TRP A 129 9.21 -2.78 -34.74
CA TRP A 129 10.45 -2.22 -35.29
C TRP A 129 10.81 -2.88 -36.61
N VAL A 130 10.50 -4.16 -36.71
CA VAL A 130 10.67 -4.92 -37.94
C VAL A 130 9.80 -4.33 -39.03
N LEU A 131 8.53 -4.08 -38.69
CA LEU A 131 7.57 -3.59 -39.67
C LEU A 131 7.68 -2.09 -39.92
N SER A 132 8.42 -1.39 -39.06
CA SER A 132 8.64 0.03 -39.28
C SER A 132 9.74 0.32 -40.29
N PHE A 133 10.77 -0.53 -40.31
CA PHE A 133 11.84 -0.42 -41.31
C PHE A 133 11.37 -0.87 -42.67
N ALA A 134 10.78 -2.06 -42.70
CA ALA A 134 10.24 -2.65 -43.91
C ALA A 134 9.20 -1.75 -44.57
N ILE A 135 8.41 -1.07 -43.76
CA ILE A 135 7.42 -0.11 -44.24
C ILE A 135 8.02 1.25 -44.57
N GLY A 136 9.05 1.65 -43.84
CA GLY A 136 9.59 2.99 -43.97
C GLY A 136 10.48 3.08 -45.18
N LEU A 137 11.18 1.98 -45.42
CA LEU A 137 12.18 1.88 -46.49
C LEU A 137 11.71 1.24 -47.82
N THR A 138 10.40 0.99 -47.98
CA THR A 138 9.88 0.40 -49.23
C THR A 138 10.46 1.03 -50.51
N PRO A 139 10.58 2.37 -50.56
CA PRO A 139 11.24 3.05 -51.69
C PRO A 139 12.63 2.46 -51.99
N MET A 140 13.22 1.79 -51.01
CA MET A 140 14.46 1.05 -51.20
C MET A 140 14.19 -0.31 -51.82
N LEU A 141 13.00 -0.86 -51.54
CA LEU A 141 12.55 -2.16 -52.07
C LEU A 141 12.33 -2.23 -53.58
N GLY A 142 12.53 -1.10 -54.28
CA GLY A 142 12.22 -1.00 -55.69
C GLY A 142 11.03 -0.11 -56.02
N TRP A 143 10.56 0.64 -55.03
CA TRP A 143 9.54 1.68 -55.24
C TRP A 143 10.20 3.00 -55.62
N ASN A 144 11.50 2.96 -55.91
CA ASN A 144 12.24 4.13 -56.40
C ASN A 144 11.65 4.82 -57.65
N ASN A 145 11.60 6.14 -57.60
CA ASN A 145 11.06 6.97 -58.69
C ASN A 145 12.16 7.48 -59.63
N CYS A 146 13.40 7.06 -59.43
CA CYS A 146 14.53 7.74 -60.07
C CYS A 146 15.02 7.24 -61.45
N GLY A 147 15.75 6.12 -61.46
CA GLY A 147 16.43 5.68 -62.67
C GLY A 147 15.52 5.28 -63.81
N GLN A 148 15.69 5.91 -64.96
CA GLN A 148 14.84 5.67 -66.14
C GLN A 148 15.57 6.01 -67.44
N SER A 156 18.39 20.41 -61.50
CA SER A 156 19.79 20.78 -61.54
C SER A 156 20.65 19.63 -62.06
N GLN A 157 20.90 19.58 -63.36
CA GLN A 157 21.78 18.52 -63.82
C GLN A 157 23.18 19.08 -64.10
N GLY A 158 24.05 18.96 -63.09
CA GLY A 158 25.48 18.82 -63.28
C GLY A 158 25.95 17.49 -62.72
N CYS A 159 25.10 16.86 -61.91
CA CYS A 159 25.52 15.77 -61.02
C CYS A 159 26.04 14.50 -61.71
N GLY A 160 25.20 13.84 -62.49
CA GLY A 160 25.62 12.81 -63.44
C GLY A 160 26.31 11.56 -62.93
N GLU A 161 26.69 10.69 -63.86
CA GLU A 161 27.62 9.59 -63.61
C GLU A 161 27.43 8.88 -62.26
N GLY A 162 26.29 8.21 -62.09
CA GLY A 162 26.05 7.42 -60.90
C GLY A 162 25.43 8.19 -59.75
N GLN A 163 25.64 9.51 -59.76
CA GLN A 163 25.06 10.41 -58.76
C GLN A 163 23.83 11.08 -59.36
N VAL A 164 22.69 10.94 -58.71
CA VAL A 164 21.53 11.74 -59.07
C VAL A 164 21.05 12.53 -57.84
N ALA A 165 20.87 13.84 -58.02
CA ALA A 165 20.62 14.73 -56.90
C ALA A 165 19.45 14.23 -56.08
N CYS A 166 19.51 14.44 -54.77
CA CYS A 166 18.49 13.89 -53.87
C CYS A 166 17.48 14.94 -53.42
N LEU A 167 16.26 14.82 -53.97
CA LEU A 167 15.14 15.67 -53.63
C LEU A 167 13.95 14.77 -53.32
N PHE A 168 12.96 15.30 -52.61
CA PHE A 168 11.87 14.46 -52.13
C PHE A 168 10.79 14.08 -53.16
N GLU A 169 10.31 15.06 -53.93
CA GLU A 169 9.20 14.83 -54.86
C GLU A 169 9.67 14.26 -56.20
N ASP A 170 10.96 13.98 -56.29
CA ASP A 170 11.54 13.34 -57.46
C ASP A 170 11.85 11.88 -57.22
N VAL A 171 12.70 11.60 -56.24
CA VAL A 171 13.06 10.22 -55.91
C VAL A 171 12.00 9.48 -55.09
N VAL A 172 11.26 10.21 -54.26
CA VAL A 172 10.27 9.60 -53.37
C VAL A 172 8.84 9.76 -53.89
N PRO A 173 8.18 8.64 -54.21
CA PRO A 173 6.88 8.75 -54.88
C PRO A 173 5.83 9.48 -54.05
N MET A 174 5.18 10.49 -54.63
CA MET A 174 4.05 11.13 -53.96
C MET A 174 2.88 10.16 -54.06
N ASN A 175 3.05 9.19 -54.94
CA ASN A 175 2.19 8.02 -55.05
C ASN A 175 2.11 7.22 -53.73
N TYR A 176 3.24 6.65 -53.34
CA TYR A 176 3.36 5.86 -52.13
C TYR A 176 3.22 6.72 -50.86
N MET A 177 3.53 8.01 -51.00
CA MET A 177 3.55 8.94 -49.87
C MET A 177 2.18 9.43 -49.43
N VAL A 178 1.27 9.57 -50.39
CA VAL A 178 -0.09 9.97 -50.06
C VAL A 178 -0.95 8.75 -49.74
N TYR A 179 -1.14 7.86 -50.72
CA TYR A 179 -1.86 6.61 -50.50
C TYR A 179 -1.29 5.71 -49.40
N PHE A 180 -0.08 5.21 -49.56
CA PHE A 180 0.43 4.18 -48.64
C PHE A 180 0.83 4.67 -47.24
N ASN A 181 1.64 5.71 -47.14
CA ASN A 181 2.10 6.09 -45.82
C ASN A 181 1.17 7.05 -45.08
N PHE A 182 0.23 7.67 -45.77
CA PHE A 182 -0.74 8.48 -45.05
C PHE A 182 -2.01 7.67 -44.83
N PHE A 183 -2.78 7.49 -45.89
CA PHE A 183 -4.03 6.75 -45.82
C PHE A 183 -3.90 5.43 -45.06
N ALA A 184 -3.08 4.53 -45.56
CA ALA A 184 -2.95 3.21 -44.97
C ALA A 184 -2.21 3.19 -43.64
N CYS A 185 -1.07 3.87 -43.56
CA CYS A 185 -0.23 3.76 -42.36
C CYS A 185 -0.49 4.75 -41.22
N VAL A 186 -1.26 5.81 -41.46
CA VAL A 186 -1.45 6.84 -40.44
C VAL A 186 -2.91 7.19 -40.15
N LEU A 187 -3.61 7.71 -41.15
CA LEU A 187 -5.03 8.02 -41.00
C LEU A 187 -5.79 6.82 -40.41
N VAL A 188 -5.51 5.63 -40.91
CA VAL A 188 -6.17 4.42 -40.43
C VAL A 188 -5.87 4.10 -38.96
N PRO A 189 -4.57 3.93 -38.61
CA PRO A 189 -4.24 3.70 -37.19
C PRO A 189 -4.67 4.84 -36.25
N LEU A 190 -4.69 6.08 -36.75
CA LEU A 190 -5.18 7.20 -35.96
C LEU A 190 -6.69 7.14 -35.72
N LEU A 191 -7.46 6.88 -36.76
CA LEU A 191 -8.90 6.76 -36.56
C LEU A 191 -9.22 5.55 -35.69
N LEU A 192 -8.25 4.64 -35.60
CA LEU A 192 -8.41 3.44 -34.80
C LEU A 192 -8.21 3.76 -33.31
N MET A 193 -7.23 4.64 -33.02
CA MET A 193 -6.94 5.10 -31.66
C MET A 193 -7.97 6.08 -31.09
N LEU A 194 -8.55 6.89 -31.97
CA LEU A 194 -9.63 7.78 -31.59
C LEU A 194 -10.78 6.94 -31.06
N GLY A 195 -11.02 5.82 -31.74
CA GLY A 195 -12.10 4.93 -31.35
C GLY A 195 -11.80 4.25 -30.04
N VAL A 196 -10.62 3.64 -29.95
CA VAL A 196 -10.28 2.87 -28.76
C VAL A 196 -10.31 3.69 -27.48
N TYR A 197 -9.80 4.92 -27.51
CA TYR A 197 -9.91 5.77 -26.34
C TYR A 197 -11.37 6.18 -26.06
N LEU A 198 -12.03 6.77 -27.04
CA LEU A 198 -13.39 7.20 -26.85
C LEU A 198 -14.23 6.06 -26.30
N ARG A 199 -13.84 4.84 -26.62
CA ARG A 199 -14.55 3.68 -26.14
C ARG A 199 -14.31 3.54 -24.64
N ILE A 200 -13.07 3.81 -24.21
CA ILE A 200 -12.71 3.81 -22.79
C ILE A 200 -13.37 4.96 -22.04
N PHE A 201 -13.18 6.18 -22.55
CA PHE A 201 -13.77 7.35 -21.92
C PHE A 201 -15.27 7.23 -21.77
N LEU A 202 -15.93 6.66 -22.78
CA LEU A 202 -17.38 6.54 -22.73
C LEU A 202 -17.84 5.32 -21.93
N ALA A 203 -17.00 4.29 -21.85
CA ALA A 203 -17.32 3.10 -21.07
C ALA A 203 -17.14 3.38 -19.58
N ALA A 204 -16.03 4.05 -19.28
CA ALA A 204 -15.69 4.44 -17.93
C ALA A 204 -16.73 5.35 -17.31
N ARG A 205 -17.30 6.26 -18.10
CA ARG A 205 -18.26 7.19 -17.53
C ARG A 205 -19.59 6.52 -17.17
N ARG A 206 -19.95 5.46 -17.89
CA ARG A 206 -21.10 4.66 -17.50
C ARG A 206 -20.81 3.88 -16.22
N GLN A 207 -19.63 3.27 -16.13
CA GLN A 207 -19.25 2.55 -14.91
C GLN A 207 -19.22 3.49 -13.71
N LEU A 208 -18.78 4.73 -13.92
CA LEU A 208 -18.76 5.74 -12.85
C LEU A 208 -20.16 6.24 -12.43
N LYS A 209 -21.06 6.37 -13.41
CA LYS A 209 -22.42 6.81 -13.13
C LYS A 209 -23.27 5.67 -12.57
N GLN A 210 -22.85 4.42 -12.82
CA GLN A 210 -23.57 3.25 -12.33
C GLN A 210 -23.14 2.81 -10.93
N MET A 211 -22.06 3.40 -10.43
CA MET A 211 -21.69 3.26 -9.03
C MET A 211 -22.47 4.23 -8.16
N GLU A 212 -22.77 5.40 -8.73
CA GLU A 212 -23.66 6.41 -8.13
C GLU A 212 -25.05 5.90 -7.79
N SER A 213 -25.77 5.47 -8.82
CA SER A 213 -27.16 5.05 -8.72
C SER A 213 -27.30 3.81 -7.82
N GLN A 214 -26.16 3.27 -7.41
CA GLN A 214 -26.14 2.10 -6.53
C GLN A 214 -25.33 2.32 -5.24
N PRO A 215 -25.81 1.76 -4.12
CA PRO A 215 -25.15 1.83 -2.81
C PRO A 215 -23.97 0.85 -2.70
N LEU A 216 -23.01 1.19 -1.83
CA LEU A 216 -21.84 0.34 -1.58
C LEU A 216 -20.85 0.34 -2.75
N PRO A 217 -19.56 0.17 -2.44
CA PRO A 217 -18.52 0.01 -3.47
C PRO A 217 -18.47 -1.42 -4.00
N GLY A 218 -17.96 -1.59 -5.22
CA GLY A 218 -17.81 -2.91 -5.79
C GLY A 218 -18.80 -3.24 -6.88
N GLU A 219 -18.39 -4.13 -7.78
CA GLU A 219 -17.11 -4.81 -7.67
C GLU A 219 -15.88 -3.87 -7.79
N ARG A 220 -15.91 -2.93 -8.74
CA ARG A 220 -14.81 -2.00 -8.92
C ARG A 220 -14.80 -0.86 -7.88
N ALA A 221 -13.63 -0.25 -7.68
CA ALA A 221 -13.49 0.92 -6.79
C ALA A 221 -13.57 2.21 -7.60
N ARG A 222 -14.59 3.02 -7.33
CA ARG A 222 -14.86 4.20 -8.15
C ARG A 222 -13.64 5.12 -8.23
N SER A 223 -13.12 5.51 -7.07
CA SER A 223 -12.03 6.47 -7.04
C SER A 223 -10.84 5.98 -7.87
N THR A 224 -10.71 4.67 -7.97
CA THR A 224 -9.54 4.05 -8.57
C THR A 224 -9.73 3.87 -10.06
N LEU A 225 -10.96 4.00 -10.52
CA LEU A 225 -11.25 3.99 -11.94
C LEU A 225 -10.88 5.36 -12.48
N GLN A 226 -11.59 6.38 -12.02
CA GLN A 226 -11.38 7.74 -12.50
C GLN A 226 -9.89 8.10 -12.37
N LYS A 227 -9.15 7.39 -11.54
CA LYS A 227 -7.72 7.60 -11.51
C LYS A 227 -7.00 6.91 -12.68
N GLU A 228 -7.44 5.71 -13.06
CA GLU A 228 -6.94 5.04 -14.27
C GLU A 228 -7.26 5.87 -15.51
N VAL A 229 -8.47 6.42 -15.54
CA VAL A 229 -9.00 7.11 -16.72
C VAL A 229 -8.35 8.47 -16.97
N HIS A 230 -7.92 9.12 -15.90
CA HIS A 230 -7.25 10.42 -16.03
C HIS A 230 -5.88 10.23 -16.68
N ALA A 231 -5.27 9.09 -16.42
CA ALA A 231 -3.98 8.80 -17.02
C ALA A 231 -4.19 8.36 -18.47
N ALA A 232 -5.36 7.78 -18.78
CA ALA A 232 -5.65 7.39 -20.16
C ALA A 232 -5.88 8.66 -20.99
N LYS A 233 -6.72 9.55 -20.47
CA LYS A 233 -6.94 10.86 -21.10
C LYS A 233 -5.59 11.52 -21.39
N SER A 234 -4.65 11.34 -20.48
CA SER A 234 -3.33 11.94 -20.60
C SER A 234 -2.47 11.26 -21.68
N LEU A 235 -2.68 9.98 -21.91
CA LEU A 235 -1.95 9.27 -22.94
C LEU A 235 -2.55 9.53 -24.32
N ALA A 236 -3.84 9.86 -24.34
CA ALA A 236 -4.52 10.18 -25.59
C ALA A 236 -4.13 11.56 -26.12
N ILE A 237 -3.80 12.47 -25.22
CA ILE A 237 -3.42 13.81 -25.58
C ILE A 237 -2.24 13.72 -26.54
N ILE A 238 -1.26 12.92 -26.16
CA ILE A 238 -0.11 12.67 -26.99
C ILE A 238 -0.56 12.28 -28.39
N VAL A 239 -1.42 11.28 -28.50
CA VAL A 239 -1.96 10.89 -29.79
C VAL A 239 -2.44 12.11 -30.57
N GLY A 240 -3.23 12.96 -29.92
CA GLY A 240 -3.82 14.11 -30.56
C GLY A 240 -2.76 15.08 -31.07
N LEU A 241 -1.73 15.28 -30.27
CA LEU A 241 -0.61 16.13 -30.67
C LEU A 241 0.07 15.60 -31.92
N PHE A 242 0.30 14.29 -31.97
CA PHE A 242 0.90 13.68 -33.15
C PHE A 242 0.11 14.10 -34.40
N ALA A 243 -1.20 13.86 -34.37
CA ALA A 243 -2.08 14.32 -35.44
C ALA A 243 -1.88 15.80 -35.76
N LEU A 244 -1.70 16.61 -34.72
CA LEU A 244 -1.54 18.05 -34.89
C LEU A 244 -0.16 18.43 -35.49
N CYS A 245 0.86 17.65 -35.17
CA CYS A 245 2.20 17.83 -35.74
C CYS A 245 2.41 17.18 -37.12
N TRP A 246 1.85 15.98 -37.31
CA TRP A 246 2.01 15.29 -38.59
C TRP A 246 0.91 15.47 -39.63
N LEU A 247 -0.21 16.08 -39.25
CA LEU A 247 -1.32 16.23 -40.18
C LEU A 247 -1.07 17.26 -41.29
N PRO A 248 -0.67 18.48 -40.92
CA PRO A 248 -0.51 19.52 -41.93
C PRO A 248 0.39 19.04 -43.08
N LEU A 249 1.49 18.40 -42.75
CA LEU A 249 2.40 17.89 -43.78
C LEU A 249 1.63 17.06 -44.80
N HIS A 250 0.71 16.23 -44.33
CA HIS A 250 -0.09 15.42 -45.24
C HIS A 250 -1.20 16.23 -45.92
N ILE A 251 -1.90 17.09 -45.16
CA ILE A 251 -2.89 18.00 -45.73
C ILE A 251 -2.28 18.72 -46.92
N ILE A 252 -1.01 19.10 -46.77
CA ILE A 252 -0.26 19.83 -47.79
C ILE A 252 0.15 18.94 -48.97
N ASN A 253 0.57 17.71 -48.67
CA ASN A 253 0.86 16.72 -49.71
C ASN A 253 -0.35 16.33 -50.52
N CYS A 254 -1.50 16.28 -49.85
CA CYS A 254 -2.78 16.07 -50.52
C CYS A 254 -2.99 17.16 -51.56
N PHE A 255 -2.92 18.41 -51.13
CA PHE A 255 -3.09 19.53 -52.04
C PHE A 255 -2.06 19.55 -53.17
N THR A 256 -0.86 19.07 -52.89
CA THR A 256 0.20 18.95 -53.91
C THR A 256 0.09 17.71 -54.79
N PHE A 257 -0.26 16.57 -54.18
CA PHE A 257 -0.32 15.30 -54.91
C PHE A 257 -1.56 15.10 -55.77
N PHE A 258 -2.73 15.42 -55.23
CA PHE A 258 -3.95 15.13 -55.96
C PHE A 258 -4.07 16.02 -57.17
N CYS A 259 -3.14 16.97 -57.26
CA CYS A 259 -3.04 17.87 -58.39
C CYS A 259 -1.65 17.85 -59.02
N PRO A 260 -1.21 16.71 -59.57
CA PRO A 260 0.03 16.90 -60.33
C PRO A 260 -0.38 17.56 -61.63
N ASP A 261 -1.28 18.52 -61.43
CA ASP A 261 -1.79 19.45 -62.43
C ASP A 261 -1.76 20.85 -61.78
N CYS A 262 -2.51 20.98 -60.69
CA CYS A 262 -2.62 22.22 -59.91
C CYS A 262 -1.34 22.61 -59.16
N SER A 263 -1.28 23.87 -58.73
CA SER A 263 -0.06 24.49 -58.22
C SER A 263 0.48 23.88 -56.92
N HIS A 264 1.76 24.16 -56.65
CA HIS A 264 2.52 23.48 -55.61
C HIS A 264 2.71 24.35 -54.36
N ALA A 265 2.82 23.68 -53.20
CA ALA A 265 3.02 24.35 -51.92
C ALA A 265 4.29 25.20 -51.87
N PRO A 266 4.16 26.46 -51.42
CA PRO A 266 5.20 27.51 -51.40
C PRO A 266 6.37 27.23 -50.45
N LEU A 267 7.24 28.22 -50.29
CA LEU A 267 8.48 28.09 -49.50
C LEU A 267 8.24 28.13 -47.99
N TRP A 268 7.77 29.27 -47.49
CA TRP A 268 7.60 29.47 -46.05
C TRP A 268 6.46 28.62 -45.48
N LEU A 269 5.77 27.91 -46.36
CA LEU A 269 4.79 26.93 -45.92
C LEU A 269 5.48 25.61 -45.59
N MET A 270 6.13 25.01 -46.58
CA MET A 270 6.73 23.69 -46.46
C MET A 270 7.70 23.51 -45.27
N TYR A 271 8.80 24.24 -45.26
CA TYR A 271 9.75 24.15 -44.16
C TYR A 271 9.05 24.30 -42.81
N LEU A 272 7.99 25.11 -42.78
CA LEU A 272 7.17 25.31 -41.58
C LEU A 272 6.49 24.01 -41.16
N ALA A 273 6.10 23.21 -42.14
CA ALA A 273 5.49 21.91 -41.87
C ALA A 273 6.54 20.85 -41.49
N ILE A 274 7.73 20.92 -42.09
CA ILE A 274 8.80 19.99 -41.74
C ILE A 274 9.27 20.24 -40.30
N VAL A 275 9.46 21.51 -39.96
CA VAL A 275 9.71 21.92 -38.59
C VAL A 275 8.57 21.42 -37.72
N LEU A 276 7.36 21.89 -38.02
CA LEU A 276 6.17 21.52 -37.26
C LEU A 276 6.09 20.03 -37.00
N SER A 277 6.48 19.21 -37.98
CA SER A 277 6.46 17.76 -37.79
C SER A 277 7.58 17.33 -36.84
N HIS A 278 8.80 17.81 -37.10
CA HIS A 278 9.94 17.52 -36.24
C HIS A 278 9.71 18.03 -34.81
N THR A 279 8.77 18.96 -34.65
CA THR A 279 8.41 19.46 -33.33
C THR A 279 7.86 18.29 -32.52
N ASN A 280 7.26 17.33 -33.23
CA ASN A 280 6.57 16.21 -32.59
C ASN A 280 7.43 15.47 -31.56
N SER A 281 8.75 15.51 -31.74
CA SER A 281 9.68 14.77 -30.90
C SER A 281 10.17 15.54 -29.68
N VAL A 282 9.61 16.73 -29.46
CA VAL A 282 10.01 17.55 -28.32
C VAL A 282 8.96 17.61 -27.21
N VAL A 283 7.75 18.05 -27.53
CA VAL A 283 6.69 18.25 -26.53
C VAL A 283 6.36 17.05 -25.63
N ASN A 284 6.66 15.82 -26.07
CA ASN A 284 6.22 14.65 -25.30
C ASN A 284 6.63 14.60 -23.82
N PRO A 285 7.94 14.59 -23.53
CA PRO A 285 8.30 14.66 -22.11
C PRO A 285 7.62 15.83 -21.40
N PHE A 286 7.38 16.92 -22.10
CA PHE A 286 6.78 18.10 -21.47
C PHE A 286 5.36 17.86 -21.03
N ILE A 287 4.60 17.15 -21.84
CA ILE A 287 3.25 16.73 -21.46
C ILE A 287 3.28 15.86 -20.20
N TYR A 288 4.17 14.87 -20.15
CA TYR A 288 4.32 14.00 -18.99
C TYR A 288 4.56 14.77 -17.70
N ALA A 289 5.43 15.78 -17.76
CA ALA A 289 5.72 16.57 -16.59
C ALA A 289 4.46 17.30 -16.12
N TYR A 290 3.79 17.98 -17.04
CA TYR A 290 2.58 18.69 -16.69
C TYR A 290 1.46 17.75 -16.20
N ARG A 291 1.19 16.71 -16.97
CA ARG A 291 0.02 15.85 -16.73
C ARG A 291 0.20 14.59 -15.86
N ILE A 292 1.43 14.20 -15.51
CA ILE A 292 1.64 12.95 -14.79
C ILE A 292 2.58 13.04 -13.57
N ARG A 293 2.02 12.86 -12.38
CA ARG A 293 2.79 13.06 -11.16
C ARG A 293 4.07 12.24 -11.07
N GLU A 294 4.08 11.03 -11.62
CA GLU A 294 5.18 10.09 -11.38
C GLU A 294 6.43 10.39 -12.20
N PHE A 295 6.23 10.82 -13.44
CA PHE A 295 7.34 11.25 -14.29
C PHE A 295 7.83 12.61 -13.78
N ARG A 296 6.88 13.51 -13.54
CA ARG A 296 7.19 14.85 -13.07
C ARG A 296 8.05 14.79 -11.81
N GLN A 297 7.77 13.83 -10.95
CA GLN A 297 8.55 13.65 -9.73
C GLN A 297 9.91 13.03 -9.97
N THR A 298 10.03 12.21 -11.01
CA THR A 298 11.31 11.60 -11.32
C THR A 298 12.19 12.60 -12.08
N PHE A 299 11.58 13.29 -13.03
CA PHE A 299 12.24 14.39 -13.69
C PHE A 299 12.80 15.32 -12.62
N ARG A 300 11.94 15.82 -11.74
CA ARG A 300 12.38 16.74 -10.69
C ARG A 300 13.55 16.16 -9.87
N LYS A 301 13.36 14.95 -9.34
CA LYS A 301 14.42 14.33 -8.55
C LYS A 301 15.73 14.23 -9.32
N ILE A 302 15.66 13.67 -10.53
CA ILE A 302 16.83 13.53 -11.40
C ILE A 302 17.56 14.87 -11.61
N ILE A 303 16.84 15.81 -12.22
CA ILE A 303 17.31 17.18 -12.47
C ILE A 303 17.89 17.90 -11.25
N ARG A 304 17.26 17.80 -10.08
CA ARG A 304 17.76 18.48 -8.88
C ARG A 304 18.90 17.70 -8.21
N SER A 305 19.29 16.58 -8.79
CA SER A 305 20.41 15.82 -8.26
C SER A 305 21.54 15.73 -9.28
N HIS A 306 21.35 14.95 -10.33
CA HIS A 306 22.37 14.73 -11.36
C HIS A 306 22.79 16.00 -12.14
N VAL A 307 21.86 16.95 -12.26
CA VAL A 307 22.17 18.27 -12.85
C VAL A 307 22.54 19.32 -11.78
N LEU A 308 22.39 18.95 -10.51
CA LEU A 308 22.85 19.78 -9.40
C LEU A 308 24.16 19.23 -8.82
N ASP B 1 16.50 -3.01 4.52
CA ASP B 1 16.00 -2.51 3.24
C ASP B 1 15.50 -1.09 3.39
N ILE B 2 14.28 -0.83 2.93
CA ILE B 2 13.69 0.50 3.10
C ILE B 2 12.92 0.58 4.41
N VAL B 3 13.45 1.35 5.37
CA VAL B 3 12.94 1.40 6.74
C VAL B 3 11.89 2.53 6.89
N MET B 4 10.69 2.15 7.33
CA MET B 4 9.63 3.12 7.54
C MET B 4 9.53 3.42 9.01
N THR B 5 9.44 4.70 9.34
CA THR B 5 9.36 5.15 10.73
C THR B 5 8.38 6.30 10.94
N GLN B 6 7.41 6.13 11.82
CA GLN B 6 6.38 7.17 12.02
C GLN B 6 6.28 7.78 13.41
N SER B 7 5.64 8.94 13.46
CA SER B 7 5.52 9.70 14.70
C SER B 7 4.21 10.45 14.74
N PRO B 8 3.72 10.71 15.97
CA PRO B 8 4.37 10.15 17.17
C PRO B 8 3.93 8.71 17.36
N ALA B 9 4.48 7.98 18.33
CA ALA B 9 4.06 6.58 18.53
C ALA B 9 2.71 6.50 19.22
N SER B 10 2.35 7.55 19.93
CA SER B 10 1.00 7.68 20.49
C SER B 10 0.64 9.15 20.55
N LEU B 11 -0.63 9.42 20.33
CA LEU B 11 -1.11 10.79 20.32
C LEU B 11 -2.48 10.74 20.95
N SER B 12 -2.75 11.62 21.91
CA SER B 12 -4.09 11.63 22.49
C SER B 12 -4.78 12.94 22.21
N ALA B 13 -6.02 12.85 21.75
CA ALA B 13 -6.72 14.03 21.25
C ALA B 13 -8.20 14.07 21.64
N SER B 14 -8.69 15.30 21.77
CA SER B 14 -10.09 15.56 22.04
C SER B 14 -10.89 15.50 20.75
N VAL B 15 -12.10 14.97 20.82
CA VAL B 15 -12.99 14.99 19.68
C VAL B 15 -13.13 16.42 19.17
N GLY B 16 -12.95 16.60 17.87
CA GLY B 16 -13.12 17.90 17.23
C GLY B 16 -11.85 18.67 16.94
N ASP B 17 -10.77 18.40 17.67
CA ASP B 17 -9.49 19.01 17.34
C ASP B 17 -8.78 18.26 16.18
N THR B 18 -7.89 18.93 15.47
CA THR B 18 -7.24 18.33 14.30
C THR B 18 -5.83 17.75 14.56
N VAL B 19 -5.51 16.64 13.90
CA VAL B 19 -4.31 15.86 14.21
C VAL B 19 -3.54 15.53 12.95
N THR B 20 -2.22 15.58 13.03
CA THR B 20 -1.35 15.11 11.96
C THR B 20 -0.39 14.07 12.50
N ILE B 21 -0.28 12.96 11.78
CA ILE B 21 0.77 12.01 12.07
C ILE B 21 1.74 11.94 10.88
N THR B 22 3.03 11.76 11.14
CA THR B 22 4.03 11.79 10.08
C THR B 22 4.69 10.43 9.87
N CYS B 23 5.19 10.20 8.66
CA CYS B 23 5.86 8.95 8.28
C CYS B 23 7.08 9.24 7.39
N ARG B 24 8.25 8.71 7.76
CA ARG B 24 9.51 9.01 7.08
C ARG B 24 10.19 7.76 6.52
N ALA B 25 10.29 7.65 5.19
CA ALA B 25 10.96 6.51 4.57
C ALA B 25 12.49 6.68 4.46
N SER B 26 13.24 5.61 4.67
CA SER B 26 14.70 5.71 4.71
C SER B 26 15.33 5.87 3.31
N GLU B 27 14.48 5.78 2.30
CA GLU B 27 14.88 5.94 0.91
C GLU B 27 13.80 6.71 0.18
N PHE B 28 14.06 7.11 -1.06
CA PHE B 28 13.13 7.99 -1.72
C PHE B 28 12.10 7.12 -2.44
N ILE B 29 10.88 7.12 -1.91
CA ILE B 29 9.79 6.32 -2.47
C ILE B 29 8.75 7.05 -3.33
N TYR B 30 8.95 8.35 -3.60
CA TYR B 30 8.00 9.16 -4.40
C TYR B 30 6.63 9.26 -3.71
N SER B 31 5.55 8.88 -4.39
CA SER B 31 4.34 8.38 -3.73
C SER B 31 4.58 6.88 -3.80
N SER B 32 3.62 6.01 -3.51
CA SER B 32 3.99 4.62 -3.12
C SER B 32 3.98 4.42 -1.61
N LEU B 33 3.47 5.41 -0.91
CA LEU B 33 3.16 5.31 0.51
C LEU B 33 1.64 5.18 0.73
N THR B 34 1.22 4.19 1.52
CA THR B 34 -0.21 4.08 1.88
C THR B 34 -0.46 4.12 3.39
N TRP B 35 -1.72 4.31 3.76
CA TRP B 35 -2.12 4.52 5.14
C TRP B 35 -3.24 3.59 5.52
N TYR B 36 -3.11 2.95 6.68
CA TYR B 36 -4.15 2.06 7.14
C TYR B 36 -4.64 2.47 8.51
N GLN B 37 -5.92 2.26 8.77
CA GLN B 37 -6.48 2.52 10.09
C GLN B 37 -6.95 1.21 10.72
N GLN B 38 -6.45 0.91 11.90
CA GLN B 38 -6.85 -0.32 12.57
C GLN B 38 -7.49 -0.06 13.93
N LYS B 39 -8.79 -0.38 14.02
CA LYS B 39 -9.54 -0.26 15.27
C LYS B 39 -9.27 -1.47 16.16
N GLN B 40 -9.44 -1.31 17.46
CA GLN B 40 -9.04 -2.36 18.40
C GLN B 40 -9.74 -3.67 18.08
N GLY B 41 -8.93 -4.71 17.92
CA GLY B 41 -9.40 -6.05 17.61
C GLY B 41 -9.95 -6.21 16.21
N GLY B 42 -9.79 -5.17 15.41
CA GLY B 42 -10.16 -5.21 14.01
C GLY B 42 -8.92 -5.40 13.17
N SER B 43 -9.13 -5.74 11.89
CA SER B 43 -8.07 -5.86 10.89
C SER B 43 -7.89 -4.52 10.19
N PRO B 44 -6.68 -4.21 9.70
CA PRO B 44 -6.47 -2.87 9.17
C PRO B 44 -7.36 -2.60 7.95
N GLN B 45 -7.79 -1.35 7.79
CA GLN B 45 -8.58 -0.97 6.63
C GLN B 45 -7.84 0.10 5.83
N LEU B 46 -8.07 0.13 4.52
CA LEU B 46 -7.39 1.07 3.64
C LEU B 46 -7.89 2.50 3.87
N LEU B 47 -6.95 3.42 4.09
CA LEU B 47 -7.29 4.81 4.40
C LEU B 47 -6.96 5.76 3.24
N VAL B 48 -5.67 5.87 2.93
CA VAL B 48 -5.16 6.68 1.83
C VAL B 48 -4.17 5.84 1.01
N TYR B 49 -4.24 5.93 -0.31
CA TYR B 49 -3.29 5.23 -1.19
C TYR B 49 -2.64 6.27 -2.11
N ALA B 50 -1.45 6.00 -2.64
CA ALA B 50 -0.78 6.99 -3.51
C ALA B 50 -0.39 8.20 -2.68
N ALA B 51 -0.61 8.07 -1.39
CA ALA B 51 -0.16 9.01 -0.39
C ALA B 51 -1.04 10.25 -0.36
N THR B 52 -1.68 10.55 -1.48
CA THR B 52 -2.68 11.62 -1.48
C THR B 52 -4.14 11.21 -1.64
N ASN B 53 -4.39 9.95 -2.01
CA ASN B 53 -5.74 9.57 -2.48
C ASN B 53 -6.60 8.84 -1.44
N LEU B 54 -7.81 9.35 -1.21
CA LEU B 54 -8.69 8.73 -0.23
C LEU B 54 -9.37 7.48 -0.80
N ALA B 55 -9.60 6.51 0.07
CA ALA B 55 -10.25 5.28 -0.34
C ALA B 55 -11.74 5.54 -0.52
N ASP B 56 -12.44 4.63 -1.21
CA ASP B 56 -13.88 4.71 -1.37
C ASP B 56 -14.53 4.94 0.00
N ALA B 57 -15.45 5.91 0.07
CA ALA B 57 -16.26 6.20 1.26
C ALA B 57 -15.47 6.41 2.56
N VAL B 58 -14.28 7.00 2.42
CA VAL B 58 -13.49 7.47 3.55
C VAL B 58 -13.84 8.94 3.72
N PRO B 59 -14.14 9.37 4.97
CA PRO B 59 -14.64 10.72 5.19
C PRO B 59 -13.63 11.79 4.72
N SER B 60 -14.15 12.83 4.07
CA SER B 60 -13.32 13.84 3.43
C SER B 60 -12.38 14.50 4.41
N ARG B 61 -12.64 14.36 5.71
CA ARG B 61 -11.79 15.02 6.69
C ARG B 61 -10.36 14.48 6.74
N PHE B 62 -10.14 13.27 6.24
CA PHE B 62 -8.78 12.73 6.12
C PHE B 62 -8.05 13.25 4.89
N SER B 63 -6.78 13.51 5.05
CA SER B 63 -5.99 13.88 3.89
C SER B 63 -4.57 13.36 4.05
N GLY B 64 -4.05 12.78 2.95
CA GLY B 64 -2.64 12.45 2.84
C GLY B 64 -1.85 13.51 2.08
N SER B 65 -0.57 13.61 2.39
CA SER B 65 0.28 14.57 1.71
C SER B 65 1.75 14.18 1.88
N GLY B 66 2.61 14.73 1.03
CA GLY B 66 4.01 14.38 1.07
C GLY B 66 4.41 13.48 -0.08
N SER B 67 5.69 13.22 -0.17
CA SER B 67 6.27 12.56 -1.33
C SER B 67 7.76 12.42 -1.09
N GLY B 68 8.42 11.60 -1.88
CA GLY B 68 9.82 11.34 -1.61
C GLY B 68 9.94 10.54 -0.33
N THR B 69 10.64 11.11 0.64
CA THR B 69 10.80 10.45 1.93
C THR B 69 9.90 10.89 3.10
N GLN B 70 9.12 11.95 2.93
CA GLN B 70 8.36 12.53 4.06
C GLN B 70 6.87 12.55 3.75
N PHE B 71 6.07 11.91 4.59
CA PHE B 71 4.63 11.85 4.38
C PHE B 71 3.87 12.16 5.66
N SER B 72 2.62 12.59 5.55
CA SER B 72 1.79 12.82 6.73
C SER B 72 0.31 12.64 6.46
N LEU B 73 -0.38 12.06 7.44
CA LEU B 73 -1.84 11.94 7.40
C LEU B 73 -2.38 12.98 8.37
N LYS B 74 -3.37 13.75 7.92
CA LYS B 74 -3.95 14.79 8.76
C LYS B 74 -5.44 14.58 8.84
N ILE B 75 -5.98 14.55 10.05
CA ILE B 75 -7.43 14.40 10.25
C ILE B 75 -7.95 15.74 10.77
N ASN B 76 -8.83 16.37 10.00
CA ASN B 76 -9.34 17.67 10.39
C ASN B 76 -10.46 17.45 11.32
N ARG B 77 -10.56 18.25 12.35
CA ARG B 77 -11.77 18.21 13.15
C ARG B 77 -12.16 16.74 13.42
N LEU B 78 -11.39 16.12 14.32
CA LEU B 78 -11.48 14.71 14.67
C LEU B 78 -12.87 14.27 15.10
N GLN B 79 -13.19 13.01 14.81
CA GLN B 79 -14.46 12.41 15.20
C GLN B 79 -14.23 11.22 16.12
N PRO B 80 -15.25 10.85 16.91
CA PRO B 80 -15.12 9.75 17.85
C PRO B 80 -14.74 8.46 17.15
N GLU B 81 -15.22 8.28 15.92
CA GLU B 81 -14.95 7.07 15.14
C GLU B 81 -13.50 6.92 14.67
N ASP B 82 -12.72 8.00 14.78
CA ASP B 82 -11.37 8.07 14.24
C ASP B 82 -10.29 7.53 15.16
N PHE B 83 -10.66 7.28 16.40
CA PHE B 83 -9.67 6.82 17.36
C PHE B 83 -9.28 5.39 17.04
N GLY B 84 -7.99 5.10 17.16
CA GLY B 84 -7.46 3.80 16.78
C GLY B 84 -6.03 4.02 16.37
N THR B 85 -5.35 2.96 15.96
CA THR B 85 -3.94 3.11 15.59
C THR B 85 -3.77 3.11 14.07
N TYR B 86 -2.86 3.96 13.58
CA TYR B 86 -2.65 4.19 12.14
C TYR B 86 -1.29 3.74 11.59
N TYR B 87 -1.34 3.04 10.48
CA TYR B 87 -0.14 2.47 9.88
C TYR B 87 0.09 3.01 8.49
N CYS B 88 1.36 3.17 8.14
CA CYS B 88 1.72 3.49 6.77
C CYS B 88 2.49 2.34 6.12
N GLN B 89 2.31 2.20 4.81
CA GLN B 89 3.07 1.20 4.11
C GLN B 89 3.63 1.69 2.76
N HIS B 90 4.90 1.40 2.49
CA HIS B 90 5.44 1.70 1.18
C HIS B 90 5.30 0.50 0.29
N PHE B 91 4.86 0.74 -0.94
CA PHE B 91 4.90 -0.25 -1.99
C PHE B 91 6.01 -0.06 -2.97
N TYR B 92 6.91 0.90 -2.71
CA TYR B 92 8.06 1.10 -3.59
C TYR B 92 8.97 -0.11 -3.52
N GLY B 93 9.29 -0.66 -4.68
CA GLY B 93 10.31 -1.68 -4.73
C GLY B 93 9.62 -3.03 -4.73
N SER B 94 10.42 -4.08 -4.54
CA SER B 94 9.92 -5.45 -4.44
C SER B 94 9.44 -5.83 -3.04
N THR B 95 10.23 -5.44 -2.03
CA THR B 95 9.95 -5.82 -0.64
C THR B 95 9.41 -4.64 0.20
N TRP B 96 8.36 -4.90 0.96
CA TRP B 96 7.58 -3.81 1.56
C TRP B 96 7.49 -3.85 3.09
N ALA B 97 7.35 -2.68 3.70
CA ALA B 97 7.49 -2.56 5.13
C ALA B 97 6.53 -1.55 5.69
N PHE B 98 6.04 -1.82 6.90
CA PHE B 98 5.09 -0.94 7.55
C PHE B 98 5.76 0.04 8.51
N GLY B 99 4.92 0.89 9.09
CA GLY B 99 5.32 1.78 10.15
C GLY B 99 5.21 1.09 11.50
N GLY B 100 5.56 1.82 12.55
CA GLY B 100 5.41 1.32 13.89
C GLY B 100 3.97 1.49 14.32
N GLY B 101 3.23 2.25 13.53
CA GLY B 101 1.88 2.66 13.84
C GLY B 101 1.93 3.85 14.77
N THR B 102 0.86 4.65 14.79
CA THR B 102 0.66 5.58 15.92
C THR B 102 -0.71 5.33 16.52
N LYS B 103 -0.79 5.38 17.85
CA LYS B 103 -1.99 5.03 18.61
C LYS B 103 -2.75 6.29 19.05
N LEU B 104 -3.93 6.50 18.47
CA LEU B 104 -4.66 7.73 18.74
C LEU B 104 -5.68 7.56 19.87
N GLU B 105 -5.41 8.17 21.01
CA GLU B 105 -6.17 7.92 22.22
C GLU B 105 -6.97 9.13 22.70
N ILE B 106 -8.07 8.90 23.42
CA ILE B 106 -8.97 9.98 23.78
C ILE B 106 -8.46 10.75 24.99
N LYS B 107 -8.37 12.06 24.87
CA LYS B 107 -7.99 12.87 26.01
C LYS B 107 -9.22 13.00 26.92
N ARG B 108 -8.99 12.94 28.23
CA ARG B 108 -10.04 13.28 29.19
C ARG B 108 -9.40 13.93 30.41
N ALA B 109 -10.22 14.39 31.35
CA ALA B 109 -9.67 15.08 32.52
C ALA B 109 -8.83 14.10 33.32
N ASP B 110 -7.82 14.58 34.04
CA ASP B 110 -6.99 13.68 34.82
C ASP B 110 -7.90 13.06 35.86
N ALA B 111 -7.50 11.91 36.36
CA ALA B 111 -8.34 11.17 37.28
C ALA B 111 -7.47 10.41 38.28
N ALA B 112 -7.81 10.48 39.56
CA ALA B 112 -7.02 9.79 40.57
C ALA B 112 -7.45 8.34 40.69
N PRO B 113 -6.46 7.42 40.76
CA PRO B 113 -6.72 5.98 40.86
C PRO B 113 -7.30 5.58 42.21
N THR B 114 -8.25 4.65 42.19
CA THR B 114 -8.66 3.99 43.42
C THR B 114 -7.71 2.80 43.61
N VAL B 115 -7.08 2.72 44.78
CA VAL B 115 -6.09 1.68 45.03
C VAL B 115 -6.51 0.76 46.16
N SER B 116 -6.45 -0.53 45.90
CA SER B 116 -6.87 -1.54 46.86
C SER B 116 -5.85 -2.65 46.88
N ILE B 117 -5.42 -3.06 48.07
CA ILE B 117 -4.51 -4.19 48.16
C ILE B 117 -5.24 -5.42 48.75
N PHE B 118 -4.81 -6.61 48.34
CA PHE B 118 -5.40 -7.85 48.83
C PHE B 118 -4.30 -8.85 49.20
N PRO B 119 -4.42 -9.51 50.36
CA PRO B 119 -3.53 -10.59 50.80
C PRO B 119 -3.77 -11.90 50.05
N PRO B 120 -2.83 -12.85 50.15
CA PRO B 120 -3.06 -14.20 49.63
C PRO B 120 -4.37 -14.81 50.12
N SER B 121 -5.14 -15.39 49.21
CA SER B 121 -6.35 -16.12 49.61
C SER B 121 -5.98 -17.45 50.28
N SER B 122 -6.64 -17.73 51.39
CA SER B 122 -6.37 -18.94 52.17
C SER B 122 -6.59 -20.19 51.33
N GLU B 123 -7.32 -20.05 50.23
CA GLU B 123 -7.55 -21.16 49.33
C GLU B 123 -6.22 -21.45 48.67
N GLN B 124 -5.47 -20.38 48.39
CA GLN B 124 -4.18 -20.48 47.73
C GLN B 124 -3.01 -20.84 48.66
N LEU B 125 -2.99 -20.25 49.85
CA LEU B 125 -1.95 -20.56 50.82
C LEU B 125 -1.91 -22.05 51.12
N THR B 126 -3.08 -22.68 51.27
CA THR B 126 -3.14 -24.13 51.51
C THR B 126 -2.77 -24.93 50.26
N SER B 127 -2.59 -24.22 49.15
CA SER B 127 -1.87 -24.78 48.01
C SER B 127 -0.37 -24.68 48.25
N GLY B 128 0.08 -23.59 48.86
CA GLY B 128 1.49 -23.29 48.99
C GLY B 128 2.04 -22.16 48.12
N GLY B 129 1.14 -21.36 47.56
CA GLY B 129 1.53 -20.09 46.97
C GLY B 129 1.09 -18.91 47.84
N ALA B 130 1.62 -17.74 47.53
CA ALA B 130 1.12 -16.50 48.10
C ALA B 130 1.20 -15.44 47.04
N SER B 131 0.09 -14.77 46.74
CA SER B 131 0.11 -13.69 45.77
C SER B 131 -0.61 -12.49 46.32
N VAL B 132 0.13 -11.42 46.55
CA VAL B 132 -0.51 -10.21 47.00
C VAL B 132 -0.83 -9.46 45.73
N VAL B 133 -2.12 -9.26 45.49
CA VAL B 133 -2.54 -8.51 44.32
C VAL B 133 -2.88 -7.08 44.73
N CYS B 134 -2.66 -6.14 43.82
CA CYS B 134 -2.99 -4.73 44.08
C CYS B 134 -3.69 -4.14 42.88
N PHE B 135 -4.84 -3.51 43.10
CA PHE B 135 -5.59 -2.92 42.01
C PHE B 135 -5.44 -1.40 42.01
N LEU B 136 -5.20 -0.85 40.82
CA LEU B 136 -5.21 0.59 40.66
C LEU B 136 -6.27 0.90 39.63
N ASN B 137 -7.37 1.50 40.05
CA ASN B 137 -8.53 1.61 39.17
C ASN B 137 -8.91 3.02 38.79
N ASN B 138 -9.23 3.18 37.51
CA ASN B 138 -9.80 4.41 36.92
C ASN B 138 -9.05 5.71 37.06
N PHE B 139 -7.80 5.71 36.61
CA PHE B 139 -6.95 6.91 36.63
C PHE B 139 -6.67 7.36 35.22
N TYR B 140 -6.39 8.65 35.08
CA TYR B 140 -5.90 9.19 33.84
C TYR B 140 -4.92 10.27 34.21
N PRO B 141 -3.83 10.42 33.45
CA PRO B 141 -3.39 9.71 32.24
C PRO B 141 -2.73 8.37 32.51
N LYS B 142 -2.38 7.64 31.45
CA LYS B 142 -1.95 6.23 31.53
C LYS B 142 -0.71 5.99 32.39
N ASP B 143 -0.01 7.04 32.77
CA ASP B 143 1.30 6.85 33.39
C ASP B 143 1.21 6.80 34.91
N ILE B 144 1.54 5.64 35.46
CA ILE B 144 1.43 5.38 36.88
C ILE B 144 2.59 4.50 37.33
N ASN B 145 2.87 4.51 38.63
CA ASN B 145 4.04 3.83 39.19
C ASN B 145 3.74 3.06 40.47
N VAL B 146 4.18 1.80 40.51
CA VAL B 146 3.94 0.97 41.68
C VAL B 146 5.21 0.42 42.30
N LYS B 147 5.52 0.84 43.51
CA LYS B 147 6.54 0.17 44.30
C LYS B 147 5.90 -0.79 45.31
N TRP B 148 6.50 -1.96 45.46
CA TRP B 148 6.11 -2.88 46.50
C TRP B 148 7.10 -2.76 47.64
N LYS B 149 6.58 -2.76 48.87
CA LYS B 149 7.43 -2.86 50.03
C LYS B 149 7.03 -4.09 50.79
N ILE B 150 8.02 -4.84 51.24
CA ILE B 150 7.77 -5.90 52.19
C ILE B 150 8.56 -5.58 53.44
N ASP B 151 7.83 -5.26 54.52
CA ASP B 151 8.44 -4.81 55.77
C ASP B 151 9.37 -3.61 55.60
N GLY B 152 8.94 -2.68 54.75
CA GLY B 152 9.66 -1.45 54.51
C GLY B 152 10.66 -1.55 53.37
N SER B 153 11.13 -2.75 53.10
CA SER B 153 12.15 -2.96 52.08
C SER B 153 11.47 -3.02 50.73
N GLU B 154 12.06 -2.44 49.71
CA GLU B 154 11.43 -2.49 48.40
C GLU B 154 11.52 -3.93 47.88
N ARG B 155 10.64 -4.28 46.94
CA ARG B 155 10.67 -5.58 46.28
C ARG B 155 10.31 -5.46 44.80
N GLN B 156 11.18 -5.99 43.95
CA GLN B 156 11.13 -5.87 42.48
C GLN B 156 10.84 -7.23 41.79
N ASN B 157 11.69 -8.22 42.05
CA ASN B 157 11.45 -9.62 41.63
C ASN B 157 10.09 -10.18 42.04
N GLY B 158 9.40 -10.79 41.08
CA GLY B 158 8.17 -11.50 41.38
C GLY B 158 6.95 -10.66 41.11
N VAL B 159 7.16 -9.45 40.60
CA VAL B 159 6.04 -8.56 40.31
C VAL B 159 5.65 -8.71 38.86
N LEU B 160 4.35 -8.65 38.61
CA LEU B 160 3.83 -8.65 37.25
C LEU B 160 2.66 -7.68 37.14
N ASN B 161 2.79 -6.74 36.22
CA ASN B 161 1.75 -5.75 36.01
C ASN B 161 0.90 -6.05 34.76
N SER B 162 -0.36 -5.65 34.77
CA SER B 162 -1.20 -5.72 33.59
C SER B 162 -2.08 -4.49 33.51
N TRP B 163 -2.17 -3.88 32.34
CA TRP B 163 -2.88 -2.61 32.12
C TRP B 163 -4.10 -2.86 31.24
N THR B 164 -5.22 -2.20 31.52
CA THR B 164 -6.33 -2.28 30.57
C THR B 164 -6.09 -1.22 29.52
N ASP B 165 -6.95 -1.17 28.50
CA ASP B 165 -6.89 -0.07 27.55
C ASP B 165 -7.95 0.87 28.04
N GLN B 166 -8.12 2.00 27.36
CA GLN B 166 -9.09 2.97 27.83
C GLN B 166 -10.41 2.25 28.02
N ASP B 167 -11.08 2.59 29.13
CA ASP B 167 -12.33 1.96 29.53
C ASP B 167 -13.45 2.42 28.60
N SER B 168 -14.45 1.57 28.39
CA SER B 168 -15.54 1.92 27.49
C SER B 168 -16.65 2.77 28.13
N LYS B 169 -16.51 3.06 29.42
CA LYS B 169 -17.45 3.96 30.10
C LYS B 169 -16.82 5.36 30.20
N ASP B 170 -15.80 5.48 31.04
CA ASP B 170 -15.11 6.75 31.27
C ASP B 170 -13.81 6.93 30.49
N SER B 171 -13.43 5.89 29.75
CA SER B 171 -12.14 5.85 29.03
C SER B 171 -10.95 6.27 29.87
N THR B 172 -10.82 5.65 31.05
CA THR B 172 -9.67 5.83 31.92
C THR B 172 -8.92 4.50 31.95
N TYR B 173 -7.79 4.48 32.64
CA TYR B 173 -6.91 3.34 32.65
C TYR B 173 -6.94 2.67 34.00
N SER B 174 -6.66 1.38 34.02
CA SER B 174 -6.59 0.65 35.27
C SER B 174 -5.51 -0.39 35.13
N MET B 175 -4.98 -0.82 36.27
CA MET B 175 -3.95 -1.83 36.21
C MET B 175 -3.87 -2.70 37.48
N SER B 176 -3.63 -3.98 37.29
CA SER B 176 -3.42 -4.89 38.39
C SER B 176 -1.93 -5.09 38.53
N SER B 177 -1.48 -5.29 39.75
CA SER B 177 -0.08 -5.57 40.01
C SER B 177 -0.04 -6.64 41.08
N THR B 178 0.63 -7.74 40.78
CA THR B 178 0.63 -8.84 41.72
C THR B 178 2.03 -9.34 42.00
N LEU B 179 2.40 -9.26 43.27
CA LEU B 179 3.67 -9.75 43.73
C LEU B 179 3.45 -11.18 44.20
N THR B 180 4.13 -12.13 43.56
CA THR B 180 3.94 -13.54 43.86
C THR B 180 5.16 -14.16 44.53
N LEU B 181 4.97 -14.75 45.70
CA LEU B 181 6.05 -15.41 46.43
C LEU B 181 5.68 -16.86 46.71
N THR B 182 6.53 -17.52 47.48
CA THR B 182 6.22 -18.84 47.97
C THR B 182 5.59 -18.69 49.34
N LYS B 183 4.63 -19.54 49.67
CA LYS B 183 4.04 -19.50 50.98
C LYS B 183 5.19 -19.39 51.96
N ASP B 184 6.28 -20.11 51.69
CA ASP B 184 7.43 -20.14 52.59
C ASP B 184 7.98 -18.75 52.92
N GLU B 185 8.25 -17.94 51.88
CA GLU B 185 8.75 -16.57 52.12
C GLU B 185 7.68 -15.54 52.46
N TYR B 186 6.46 -15.73 51.96
CA TYR B 186 5.34 -14.88 52.38
C TYR B 186 5.21 -14.85 53.90
N GLU B 187 5.49 -15.98 54.54
CA GLU B 187 5.28 -16.13 55.98
C GLU B 187 6.52 -15.73 56.76
N ARG B 188 7.53 -15.29 56.03
CA ARG B 188 8.76 -14.82 56.65
C ARG B 188 8.60 -13.33 56.93
N HIS B 189 7.43 -12.81 56.59
CA HIS B 189 7.20 -11.35 56.63
C HIS B 189 5.82 -10.93 57.16
N ASN B 190 5.84 -9.83 57.92
CA ASN B 190 4.66 -9.28 58.56
C ASN B 190 3.94 -8.24 57.69
N SER B 191 4.63 -7.15 57.35
CA SER B 191 4.05 -6.05 56.56
C SER B 191 4.25 -6.18 55.05
N TYR B 192 3.21 -5.79 54.31
CA TYR B 192 3.23 -5.75 52.86
C TYR B 192 2.58 -4.45 52.38
N THR B 193 3.35 -3.61 51.68
CA THR B 193 2.87 -2.31 51.23
C THR B 193 2.93 -2.23 49.73
N CYS B 194 1.86 -1.73 49.14
CA CYS B 194 1.80 -1.48 47.70
C CYS B 194 1.51 0.02 47.48
N GLU B 195 2.49 0.71 46.89
CA GLU B 195 2.52 2.16 46.91
C GLU B 195 2.47 2.77 45.52
N ALA B 196 1.52 3.67 45.27
CA ALA B 196 1.33 4.24 43.93
C ALA B 196 1.62 5.72 43.86
N THR B 197 2.27 6.15 42.78
CA THR B 197 2.40 7.58 42.48
C THR B 197 1.77 7.88 41.14
N HIS B 198 1.22 9.08 41.00
CA HIS B 198 0.49 9.44 39.80
C HIS B 198 0.47 10.95 39.78
N LYS B 199 0.21 11.52 38.61
CA LYS B 199 0.31 12.97 38.48
C LYS B 199 -0.73 13.72 39.31
N THR B 200 -1.84 13.04 39.64
CA THR B 200 -2.96 13.65 40.37
C THR B 200 -2.72 13.77 41.88
N SER B 201 -1.96 12.82 42.43
CA SER B 201 -1.67 12.80 43.85
C SER B 201 -0.24 13.27 44.11
N THR B 202 -0.11 14.32 44.90
CA THR B 202 1.20 14.87 45.20
C THR B 202 1.81 14.16 46.41
N SER B 203 1.10 13.17 46.93
CA SER B 203 1.64 12.28 47.93
C SER B 203 1.48 10.87 47.40
N PRO B 204 2.44 9.98 47.69
CA PRO B 204 2.31 8.62 47.20
C PRO B 204 1.05 8.01 47.79
N ILE B 205 0.21 7.40 46.96
CA ILE B 205 -1.00 6.72 47.45
C ILE B 205 -0.59 5.36 48.03
N VAL B 206 -0.82 5.18 49.33
CA VAL B 206 -0.28 4.01 50.03
C VAL B 206 -1.37 3.08 50.55
N LYS B 207 -1.40 1.84 50.04
CA LYS B 207 -2.27 0.80 50.61
C LYS B 207 -1.46 -0.38 51.15
N SER B 208 -1.83 -0.89 52.33
CA SER B 208 -0.97 -1.84 53.02
C SER B 208 -1.73 -2.75 53.98
N PHE B 209 -1.09 -3.86 54.36
CA PHE B 209 -1.65 -4.74 55.37
C PHE B 209 -0.54 -5.44 56.14
N ASN B 210 -0.88 -6.00 57.30
CA ASN B 210 0.06 -6.83 58.02
C ASN B 210 -0.51 -8.24 58.11
N ARG B 211 0.22 -9.24 57.62
CA ARG B 211 -0.29 -10.61 57.67
C ARG B 211 -0.50 -10.99 59.15
N ASN B 212 -1.70 -11.45 59.48
CA ASN B 212 -2.06 -11.64 60.89
C ASN B 212 -1.88 -10.34 61.68
N GLU C 1 -19.88 -6.89 -2.98
CA GLU C 1 -19.45 -7.59 -1.77
C GLU C 1 -18.15 -8.37 -1.99
N VAL C 2 -17.17 -8.17 -1.12
CA VAL C 2 -15.94 -8.97 -1.17
C VAL C 2 -15.48 -9.36 0.23
N GLN C 3 -15.36 -10.66 0.46
CA GLN C 3 -14.90 -11.15 1.75
C GLN C 3 -13.63 -11.97 1.59
N LEU C 4 -12.67 -11.75 2.48
CA LEU C 4 -11.55 -12.66 2.61
C LEU C 4 -11.76 -13.42 3.90
N GLN C 5 -12.06 -14.72 3.80
CA GLN C 5 -12.38 -15.52 4.98
C GLN C 5 -11.22 -16.43 5.40
N GLN C 6 -10.56 -16.08 6.52
CA GLN C 6 -9.40 -16.85 7.02
C GLN C 6 -9.75 -17.99 7.97
N SER C 7 -8.97 -19.06 7.91
CA SER C 7 -9.10 -20.19 8.81
C SER C 7 -8.89 -19.74 10.26
N GLY C 8 -9.42 -20.51 11.22
CA GLY C 8 -9.43 -20.11 12.61
C GLY C 8 -8.16 -20.36 13.41
N ALA C 9 -8.17 -19.92 14.66
CA ALA C 9 -7.00 -19.84 15.53
C ALA C 9 -6.29 -21.15 15.56
N GLU C 10 -4.97 -21.11 15.77
CA GLU C 10 -4.20 -22.35 15.83
C GLU C 10 -3.36 -22.39 17.09
N LEU C 11 -3.38 -23.55 17.75
CA LEU C 11 -2.57 -23.75 18.92
C LEU C 11 -1.63 -24.90 18.65
N VAL C 12 -0.35 -24.65 18.77
CA VAL C 12 0.64 -25.58 18.26
C VAL C 12 1.83 -25.73 19.21
N LYS C 13 2.49 -26.88 19.14
CA LYS C 13 3.74 -27.11 19.86
C LYS C 13 4.92 -26.68 18.99
N PRO C 14 5.93 -26.05 19.60
CA PRO C 14 7.07 -25.60 18.80
C PRO C 14 7.75 -26.75 18.07
N GLY C 15 8.12 -26.50 16.82
CA GLY C 15 8.78 -27.49 16.01
C GLY C 15 7.85 -28.05 14.96
N SER C 16 6.63 -27.57 14.89
CA SER C 16 5.68 -28.11 13.96
C SER C 16 5.31 -27.11 12.89
N SER C 17 4.39 -27.52 12.02
CA SER C 17 4.08 -26.77 10.81
C SER C 17 2.64 -26.37 10.91
N VAL C 18 2.24 -25.43 10.10
CA VAL C 18 0.85 -25.01 10.08
C VAL C 18 0.49 -24.47 8.71
N LYS C 19 -0.73 -24.73 8.28
CA LYS C 19 -1.23 -24.15 7.04
C LYS C 19 -2.41 -23.29 7.43
N ILE C 20 -2.28 -21.99 7.23
CA ILE C 20 -3.38 -21.05 7.41
C ILE C 20 -4.02 -20.76 6.04
N SER C 21 -5.35 -20.80 5.97
CA SER C 21 -6.04 -20.68 4.69
C SER C 21 -6.76 -19.33 4.58
N CYS C 22 -6.87 -18.83 3.35
CA CYS C 22 -7.68 -17.64 3.09
C CYS C 22 -8.55 -17.90 1.88
N LYS C 23 -9.86 -17.92 2.09
CA LYS C 23 -10.82 -18.16 1.02
C LYS C 23 -11.35 -16.81 0.60
N THR C 24 -11.41 -16.55 -0.71
CA THR C 24 -11.95 -15.27 -1.15
C THR C 24 -13.20 -15.48 -2.00
N SER C 25 -14.28 -14.84 -1.57
CA SER C 25 -15.54 -14.86 -2.28
C SER C 25 -15.95 -13.45 -2.68
N GLY C 26 -16.60 -13.34 -3.83
CA GLY C 26 -17.24 -12.10 -4.23
C GLY C 26 -16.50 -11.34 -5.29
N ASP C 27 -15.46 -11.95 -5.86
CA ASP C 27 -14.77 -11.41 -7.02
C ASP C 27 -14.01 -12.52 -7.75
N SER C 28 -13.19 -12.14 -8.74
CA SER C 28 -12.25 -13.10 -9.32
C SER C 28 -10.96 -13.18 -8.53
N PHE C 29 -10.64 -14.39 -8.13
CA PHE C 29 -9.55 -14.66 -7.22
C PHE C 29 -8.21 -14.58 -7.95
N THR C 30 -8.21 -14.97 -9.22
CA THR C 30 -6.98 -15.05 -9.99
C THR C 30 -6.54 -13.72 -10.61
N ALA C 31 -7.28 -12.65 -10.34
CA ALA C 31 -6.96 -11.36 -10.92
C ALA C 31 -6.00 -10.54 -10.09
N TYR C 32 -5.78 -10.97 -8.85
CA TYR C 32 -5.06 -10.14 -7.87
C TYR C 32 -4.03 -10.89 -7.09
N ASN C 33 -2.88 -10.26 -6.83
CA ASN C 33 -1.89 -10.80 -5.90
C ASN C 33 -2.39 -10.92 -4.46
N MET C 34 -2.21 -12.09 -3.86
CA MET C 34 -2.56 -12.24 -2.44
C MET C 34 -1.31 -12.06 -1.62
N ASN C 35 -1.40 -11.23 -0.58
CA ASN C 35 -0.26 -10.97 0.29
C ASN C 35 -0.60 -11.44 1.67
N TRP C 36 0.42 -11.71 2.45
CA TRP C 36 0.25 -12.07 3.86
C TRP C 36 1.06 -11.13 4.73
N VAL C 37 0.45 -10.64 5.80
CA VAL C 37 1.13 -9.80 6.76
C VAL C 37 1.03 -10.45 8.10
N LYS C 38 2.04 -10.25 8.94
CA LYS C 38 2.03 -10.74 10.32
C LYS C 38 2.04 -9.60 11.32
N GLN C 39 1.13 -9.65 12.28
CA GLN C 39 1.08 -8.64 13.33
C GLN C 39 1.45 -9.25 14.64
N SER C 40 2.52 -8.73 15.23
CA SER C 40 3.05 -9.26 16.48
C SER C 40 2.62 -8.39 17.64
N HIS C 41 2.12 -9.02 18.70
CA HIS C 41 1.59 -8.34 19.89
C HIS C 41 0.65 -7.19 19.57
N GLY C 42 -0.24 -7.42 18.59
CA GLY C 42 -1.22 -6.42 18.23
C GLY C 42 -0.65 -5.02 18.04
N LYS C 43 0.61 -4.92 17.61
CA LYS C 43 1.19 -3.61 17.36
C LYS C 43 1.88 -3.51 15.99
N SER C 44 3.05 -4.13 15.86
CA SER C 44 3.93 -3.94 14.70
C SER C 44 3.50 -4.81 13.54
N LEU C 45 3.64 -4.30 12.33
CA LEU C 45 3.27 -5.07 11.14
C LEU C 45 4.48 -5.40 10.27
N GLU C 46 4.48 -6.62 9.76
CA GLU C 46 5.52 -7.07 8.85
C GLU C 46 4.91 -7.67 7.61
N TRP C 47 5.50 -7.36 6.47
CA TRP C 47 5.10 -7.98 5.23
C TRP C 47 5.85 -9.31 5.04
N ILE C 48 5.08 -10.40 4.98
CA ILE C 48 5.61 -11.75 4.85
C ILE C 48 5.93 -12.12 3.42
N GLY C 49 5.07 -11.71 2.50
CA GLY C 49 5.23 -12.06 1.10
C GLY C 49 3.92 -12.06 0.35
N ASN C 50 3.98 -12.39 -0.94
CA ASN C 50 2.75 -12.55 -1.71
C ASN C 50 2.90 -13.46 -2.90
N ILE C 51 1.76 -13.72 -3.53
CA ILE C 51 1.69 -14.79 -4.50
C ILE C 51 0.74 -14.41 -5.62
N ASN C 52 1.13 -14.75 -6.83
CA ASN C 52 0.30 -14.47 -7.98
C ASN C 52 -0.61 -15.67 -8.14
N PRO C 53 -1.92 -15.48 -7.96
CA PRO C 53 -2.79 -16.65 -7.85
C PRO C 53 -2.95 -17.33 -9.20
N TYR C 54 -2.60 -16.64 -10.27
CA TYR C 54 -2.76 -17.24 -11.58
C TYR C 54 -1.68 -18.29 -11.80
N TYR C 55 -0.43 -17.88 -11.64
CA TYR C 55 0.72 -18.77 -11.84
C TYR C 55 1.39 -19.35 -10.60
N GLY C 56 0.94 -18.95 -9.42
CA GLY C 56 1.45 -19.49 -8.16
C GLY C 56 2.80 -18.93 -7.77
N SER C 57 3.27 -17.97 -8.56
CA SER C 57 4.56 -17.32 -8.37
C SER C 57 4.56 -16.43 -7.13
N THR C 58 5.65 -16.47 -6.37
CA THR C 58 5.73 -15.76 -5.10
C THR C 58 6.93 -14.84 -4.95
N ARG C 59 6.69 -13.73 -4.26
CA ARG C 59 7.76 -12.92 -3.72
C ARG C 59 7.65 -13.03 -2.22
N TYR C 60 8.79 -13.17 -1.55
CA TYR C 60 8.83 -13.17 -0.09
C TYR C 60 9.71 -12.03 0.44
N ASN C 61 9.30 -11.43 1.54
CA ASN C 61 10.21 -10.69 2.40
C ASN C 61 11.35 -11.63 2.82
N GLN C 62 12.58 -11.17 2.79
CA GLN C 62 13.73 -12.05 3.04
C GLN C 62 13.69 -12.66 4.44
N LYS C 63 13.19 -11.89 5.39
CA LYS C 63 13.20 -12.31 6.77
C LYS C 63 12.42 -13.60 6.86
N PHE C 64 11.34 -13.68 6.07
CA PHE C 64 10.44 -14.84 6.10
C PHE C 64 10.74 -15.97 5.11
N LYS C 65 11.67 -15.74 4.18
CA LYS C 65 12.06 -16.79 3.25
C LYS C 65 12.50 -17.99 4.08
N GLY C 66 11.83 -19.12 3.84
CA GLY C 66 12.19 -20.39 4.43
C GLY C 66 11.38 -20.78 5.66
N LYS C 67 10.86 -19.79 6.37
CA LYS C 67 9.85 -20.05 7.40
C LYS C 67 8.43 -20.11 6.82
N ALA C 68 8.14 -19.16 5.93
CA ALA C 68 6.87 -19.12 5.22
C ALA C 68 7.03 -19.65 3.80
N THR C 69 6.02 -20.38 3.33
CA THR C 69 5.95 -20.77 1.94
C THR C 69 4.49 -20.61 1.52
N LEU C 70 4.27 -19.88 0.43
CA LEU C 70 2.92 -19.56 -0.01
C LEU C 70 2.49 -20.43 -1.16
N THR C 71 1.20 -20.73 -1.20
CA THR C 71 0.62 -21.62 -2.20
C THR C 71 -0.82 -21.21 -2.39
N VAL C 72 -1.43 -21.65 -3.48
CA VAL C 72 -2.82 -21.30 -3.78
C VAL C 72 -3.63 -22.47 -4.32
N ASP C 73 -4.95 -22.42 -4.17
CA ASP C 73 -5.81 -23.32 -4.92
C ASP C 73 -6.91 -22.52 -5.63
N LYS C 74 -6.82 -22.43 -6.96
CA LYS C 74 -7.76 -21.67 -7.78
C LYS C 74 -9.22 -22.14 -7.68
N SER C 75 -9.42 -23.44 -7.78
CA SER C 75 -10.74 -24.07 -7.75
C SER C 75 -11.60 -23.56 -6.60
N SER C 76 -11.11 -23.79 -5.39
CA SER C 76 -11.79 -23.38 -4.18
C SER C 76 -11.48 -21.91 -3.96
N SER C 77 -10.65 -21.36 -4.86
CA SER C 77 -10.21 -19.96 -4.86
C SER C 77 -9.70 -19.48 -3.51
N THR C 78 -8.75 -20.22 -2.95
CA THR C 78 -8.18 -19.88 -1.64
C THR C 78 -6.65 -19.87 -1.66
N ALA C 79 -6.07 -18.96 -0.88
CA ALA C 79 -4.63 -18.86 -0.74
C ALA C 79 -4.18 -19.43 0.61
N TYR C 80 -2.97 -19.98 0.66
CA TYR C 80 -2.44 -20.54 1.89
C TYR C 80 -1.13 -19.90 2.31
N ILE C 81 -0.76 -20.12 3.58
CA ILE C 81 0.55 -19.81 4.09
C ILE C 81 0.92 -20.93 5.04
N GLN C 82 2.07 -21.54 4.82
CA GLN C 82 2.47 -22.63 5.68
C GLN C 82 3.67 -22.18 6.49
N LEU C 83 3.67 -22.46 7.79
CA LEU C 83 4.80 -22.04 8.60
C LEU C 83 5.53 -23.24 9.18
N ASN C 84 6.85 -23.19 9.12
CA ASN C 84 7.67 -24.36 9.39
C ASN C 84 8.59 -24.14 10.57
N SER C 85 8.96 -25.23 11.23
CA SER C 85 9.85 -25.15 12.38
C SER C 85 9.41 -24.08 13.37
N LEU C 86 8.12 -24.00 13.63
CA LEU C 86 7.55 -22.97 14.49
C LEU C 86 8.18 -22.84 15.89
N THR C 87 8.32 -21.59 16.35
CA THR C 87 8.86 -21.22 17.67
C THR C 87 7.94 -20.15 18.26
N SER C 88 8.12 -19.80 19.53
CA SER C 88 7.23 -18.81 20.15
C SER C 88 7.24 -17.46 19.42
N GLU C 89 8.37 -17.13 18.79
CA GLU C 89 8.55 -15.86 18.13
C GLU C 89 7.60 -15.75 16.94
N ASP C 90 6.99 -16.87 16.58
CA ASP C 90 6.04 -16.91 15.46
C ASP C 90 4.60 -16.70 15.90
N SER C 91 4.37 -16.65 17.22
CA SER C 91 3.03 -16.44 17.74
C SER C 91 2.60 -15.01 17.45
N ALA C 92 1.52 -14.89 16.70
CA ALA C 92 1.08 -13.59 16.21
C ALA C 92 -0.25 -13.76 15.54
N VAL C 93 -0.76 -12.68 14.99
CA VAL C 93 -1.92 -12.77 14.12
C VAL C 93 -1.46 -12.56 12.67
N TYR C 94 -1.77 -13.51 11.81
CA TYR C 94 -1.44 -13.40 10.38
C TYR C 94 -2.68 -12.99 9.59
N TYR C 95 -2.54 -11.94 8.79
CA TYR C 95 -3.64 -11.48 7.92
C TYR C 95 -3.36 -11.80 6.48
N CYS C 96 -4.41 -12.06 5.72
CA CYS C 96 -4.28 -11.97 4.27
C CYS C 96 -4.86 -10.64 3.81
N ALA C 97 -4.20 -10.04 2.86
CA ALA C 97 -4.68 -8.82 2.26
C ALA C 97 -4.64 -9.01 0.76
N ARG C 98 -5.63 -8.46 0.08
CA ARG C 98 -5.63 -8.48 -1.38
C ARG C 98 -4.99 -7.22 -1.94
N GLU C 99 -3.97 -7.40 -2.76
CA GLU C 99 -3.28 -6.27 -3.37
C GLU C 99 -4.13 -5.75 -4.54
N GLY C 100 -3.93 -4.50 -4.95
CA GLY C 100 -4.72 -3.90 -6.01
C GLY C 100 -3.83 -2.96 -6.80
N ASN C 101 -4.17 -2.77 -8.06
CA ASN C 101 -3.24 -2.30 -9.07
C ASN C 101 -3.88 -1.39 -10.06
N TYR C 102 -3.23 -0.29 -10.39
CA TYR C 102 -3.60 0.43 -11.60
C TYR C 102 -2.45 1.32 -12.03
N TYR C 103 -2.52 1.81 -13.28
CA TYR C 103 -1.50 2.66 -13.88
C TYR C 103 -1.84 4.16 -13.77
N ASP C 104 -1.01 4.89 -13.03
CA ASP C 104 -1.09 6.33 -12.86
C ASP C 104 -0.09 7.00 -13.78
N GLY C 105 0.59 6.16 -14.56
CA GLY C 105 1.86 6.44 -15.22
C GLY C 105 2.93 5.73 -14.40
N GLY C 106 2.66 5.61 -13.10
CA GLY C 106 3.40 4.72 -12.21
C GLY C 106 2.50 3.55 -11.87
N SER C 107 3.06 2.50 -11.29
CA SER C 107 2.25 1.35 -10.95
C SER C 107 1.77 1.56 -9.54
N VAL C 108 0.49 1.88 -9.38
CA VAL C 108 -0.06 2.10 -8.04
C VAL C 108 -0.48 0.76 -7.39
N ARG C 109 -0.05 0.57 -6.14
CA ARG C 109 -0.41 -0.64 -5.38
C ARG C 109 -0.92 -0.24 -4.01
N TYR C 110 -1.83 -1.04 -3.48
CA TYR C 110 -2.41 -0.83 -2.15
C TYR C 110 -3.00 -2.16 -1.65
N PHE C 111 -3.32 -2.26 -0.36
CA PHE C 111 -4.04 -3.45 0.06
C PHE C 111 -5.51 -3.15 0.25
N ASP C 112 -6.27 -3.59 -0.74
CA ASP C 112 -7.67 -3.31 -0.92
C ASP C 112 -8.49 -3.84 0.24
N TYR C 113 -8.41 -5.15 0.41
CA TYR C 113 -9.24 -5.88 1.35
C TYR C 113 -8.37 -6.77 2.24
N TRP C 114 -8.75 -6.86 3.52
CA TRP C 114 -8.02 -7.72 4.43
C TRP C 114 -8.91 -8.81 5.05
N GLY C 115 -8.29 -9.94 5.37
CA GLY C 115 -8.99 -10.97 6.11
C GLY C 115 -9.18 -10.55 7.56
N GLN C 116 -9.83 -11.42 8.32
CA GLN C 116 -10.22 -11.11 9.69
C GLN C 116 -9.09 -11.35 10.69
N GLY C 117 -8.02 -11.99 10.21
CA GLY C 117 -6.90 -12.32 11.06
C GLY C 117 -7.07 -13.72 11.59
N THR C 118 -5.95 -14.41 11.82
CA THR C 118 -6.02 -15.73 12.39
C THR C 118 -4.88 -15.83 13.37
N THR C 119 -5.17 -16.41 14.53
CA THR C 119 -4.27 -16.33 15.68
C THR C 119 -3.45 -17.59 15.81
N LEU C 120 -2.14 -17.44 15.71
CA LEU C 120 -1.26 -18.59 15.85
C LEU C 120 -0.47 -18.47 17.15
N THR C 121 -0.63 -19.47 18.01
CA THR C 121 0.04 -19.49 19.30
C THR C 121 0.96 -20.69 19.38
N VAL C 122 2.24 -20.44 19.54
CA VAL C 122 3.15 -21.55 19.69
C VAL C 122 3.64 -21.58 21.13
N SER C 123 3.48 -22.73 21.78
CA SER C 123 4.00 -22.92 23.13
C SER C 123 4.21 -24.41 23.45
N SER C 124 5.11 -24.69 24.38
CA SER C 124 5.35 -26.06 24.80
C SER C 124 4.53 -26.43 26.05
N ALA C 125 3.67 -25.53 26.48
CA ALA C 125 2.77 -25.78 27.61
C ALA C 125 1.76 -26.88 27.31
N LYS C 126 1.47 -27.70 28.32
CA LYS C 126 0.39 -28.67 28.24
C LYS C 126 -0.87 -28.05 28.87
N THR C 127 -2.03 -28.32 28.29
CA THR C 127 -3.26 -27.65 28.70
C THR C 127 -3.57 -27.80 30.19
N THR C 128 -3.73 -26.68 30.87
CA THR C 128 -3.83 -26.69 32.33
C THR C 128 -5.00 -25.87 32.82
N ALA C 129 -5.84 -26.48 33.64
CA ALA C 129 -6.98 -25.78 34.20
C ALA C 129 -6.49 -24.85 35.31
N PRO C 130 -7.15 -23.69 35.43
CA PRO C 130 -6.67 -22.66 36.34
C PRO C 130 -7.00 -22.94 37.79
N SER C 131 -6.26 -22.34 38.70
CA SER C 131 -6.70 -22.23 40.07
C SER C 131 -7.39 -20.88 40.19
N VAL C 132 -8.59 -20.87 40.76
CA VAL C 132 -9.29 -19.60 40.96
C VAL C 132 -9.25 -19.24 42.43
N TYR C 133 -8.79 -18.05 42.76
CA TYR C 133 -8.78 -17.69 44.17
C TYR C 133 -9.60 -16.43 44.32
N PRO C 134 -10.47 -16.39 45.33
CA PRO C 134 -11.23 -15.19 45.69
C PRO C 134 -10.40 -14.24 46.51
N LEU C 135 -10.52 -12.94 46.23
CA LEU C 135 -9.77 -11.92 46.94
C LEU C 135 -10.71 -10.97 47.64
N ALA C 136 -10.78 -11.05 48.96
CA ALA C 136 -11.61 -10.14 49.73
C ALA C 136 -10.72 -9.04 50.26
N PRO C 137 -11.33 -8.04 50.90
CA PRO C 137 -10.66 -6.93 51.58
C PRO C 137 -9.91 -7.43 52.82
N VAL C 138 -9.48 -6.54 53.71
CA VAL C 138 -8.69 -6.95 54.87
C VAL C 138 -9.43 -6.77 56.20
N GLY C 144 -14.50 2.61 53.96
CA GLY C 144 -14.95 3.53 52.94
C GLY C 144 -16.40 3.33 52.54
N SER C 145 -16.87 4.10 51.57
CA SER C 145 -18.24 3.95 51.07
C SER C 145 -18.30 3.01 49.85
N SER C 146 -17.14 2.66 49.31
CA SER C 146 -17.04 1.64 48.28
C SER C 146 -16.08 0.56 48.74
N VAL C 147 -16.36 -0.68 48.35
CA VAL C 147 -15.42 -1.79 48.51
C VAL C 147 -15.13 -2.40 47.15
N THR C 148 -13.88 -2.61 46.84
CA THR C 148 -13.56 -3.39 45.65
C THR C 148 -13.15 -4.81 46.05
N LEU C 149 -13.75 -5.79 45.38
CA LEU C 149 -13.43 -7.21 45.56
C LEU C 149 -12.49 -7.68 44.46
N GLY C 150 -12.04 -8.92 44.53
CA GLY C 150 -11.10 -9.40 43.53
C GLY C 150 -11.13 -10.88 43.28
N CYS C 151 -10.70 -11.28 42.08
CA CYS C 151 -10.68 -12.70 41.70
C CYS C 151 -9.41 -13.00 40.94
N LEU C 152 -8.66 -13.99 41.38
CA LEU C 152 -7.35 -14.25 40.80
C LEU C 152 -7.33 -15.60 40.08
N VAL C 153 -7.25 -15.56 38.75
CA VAL C 153 -7.23 -16.79 37.98
C VAL C 153 -5.82 -17.09 37.58
N LYS C 154 -5.23 -18.13 38.14
CA LYS C 154 -3.81 -18.31 37.92
C LYS C 154 -3.43 -19.70 37.42
N GLY C 155 -2.43 -19.75 36.55
CA GLY C 155 -1.82 -20.99 36.12
C GLY C 155 -2.55 -21.81 35.07
N TYR C 156 -3.20 -21.15 34.12
CA TYR C 156 -3.87 -21.87 33.05
C TYR C 156 -3.23 -21.74 31.69
N PHE C 157 -3.44 -22.78 30.89
CA PHE C 157 -3.11 -22.76 29.48
C PHE C 157 -4.18 -23.60 28.81
N PRO C 158 -4.62 -23.19 27.62
CA PRO C 158 -4.33 -21.94 26.91
C PRO C 158 -5.41 -20.91 27.13
N GLU C 159 -5.24 -19.73 26.53
CA GLU C 159 -6.29 -18.72 26.51
C GLU C 159 -7.44 -19.26 25.67
N PRO C 160 -8.62 -18.64 25.77
CA PRO C 160 -8.92 -17.63 26.79
C PRO C 160 -9.59 -18.28 27.99
N VAL C 161 -9.84 -17.50 29.02
CA VAL C 161 -10.81 -17.88 30.04
C VAL C 161 -11.90 -16.84 29.90
N THR C 162 -13.11 -17.18 30.32
CA THR C 162 -14.20 -16.25 30.29
C THR C 162 -14.59 -15.98 31.76
N LEU C 163 -14.56 -14.72 32.17
CA LEU C 163 -14.80 -14.43 33.60
C LEU C 163 -15.99 -13.50 33.89
N THR C 164 -16.93 -13.99 34.68
CA THR C 164 -18.07 -13.16 35.05
C THR C 164 -18.23 -13.07 36.57
N TRP C 165 -18.96 -12.05 37.00
CA TRP C 165 -19.29 -11.88 38.39
C TRP C 165 -20.78 -12.01 38.57
N ASN C 166 -21.21 -12.91 39.44
CA ASN C 166 -22.63 -13.12 39.66
C ASN C 166 -23.37 -13.42 38.37
N SER C 167 -22.69 -14.14 37.47
CA SER C 167 -23.27 -14.68 36.24
C SER C 167 -23.73 -13.56 35.32
N GLY C 168 -22.94 -12.47 35.30
CA GLY C 168 -23.23 -11.33 34.46
C GLY C 168 -24.23 -10.41 35.12
N SER C 169 -24.86 -10.89 36.18
CA SER C 169 -25.83 -10.05 36.85
C SER C 169 -25.09 -8.91 37.53
N LEU C 170 -23.76 -9.05 37.66
CA LEU C 170 -22.92 -7.96 38.18
C LEU C 170 -22.24 -7.35 36.98
N SER C 171 -22.76 -6.20 36.59
CA SER C 171 -22.41 -5.63 35.31
C SER C 171 -21.37 -4.55 35.56
N SER C 172 -21.81 -3.46 36.17
CA SER C 172 -20.92 -2.33 36.39
C SER C 172 -19.90 -2.59 37.50
N GLY C 173 -18.81 -1.83 37.47
CA GLY C 173 -17.78 -1.90 38.49
C GLY C 173 -16.62 -2.80 38.18
N VAL C 174 -16.72 -3.59 37.12
CA VAL C 174 -15.77 -4.67 36.91
C VAL C 174 -14.62 -4.20 36.05
N HIS C 175 -13.43 -4.74 36.34
CA HIS C 175 -12.27 -4.62 35.46
C HIS C 175 -11.64 -5.97 35.30
N THR C 176 -11.68 -6.50 34.10
CA THR C 176 -10.97 -7.73 33.83
C THR C 176 -9.69 -7.38 33.08
N PHE C 177 -8.56 -7.75 33.65
CA PHE C 177 -7.27 -7.40 33.10
C PHE C 177 -6.75 -8.44 32.10
N PRO C 178 -5.94 -7.98 31.14
CA PRO C 178 -5.20 -8.81 30.21
C PRO C 178 -4.36 -9.81 30.98
N ALA C 179 -4.26 -11.02 30.43
CA ALA C 179 -3.51 -12.11 31.03
C ALA C 179 -2.03 -11.95 30.78
N VAL C 180 -1.23 -12.51 31.68
CA VAL C 180 0.23 -12.45 31.60
C VAL C 180 0.84 -13.84 31.76
N LEU C 181 1.92 -14.12 31.04
CA LEU C 181 2.56 -15.44 31.15
C LEU C 181 3.55 -15.51 32.31
N GLN C 182 3.24 -16.37 33.27
CA GLN C 182 4.10 -16.57 34.41
C GLN C 182 4.82 -17.87 34.13
N SER C 183 6.08 -17.78 33.75
CA SER C 183 6.78 -18.93 33.19
C SER C 183 5.96 -19.52 32.04
N ASP C 184 5.49 -20.75 32.20
CA ASP C 184 4.78 -21.43 31.12
C ASP C 184 3.29 -21.04 30.95
N LEU C 185 2.67 -20.59 32.04
CA LEU C 185 1.23 -20.53 32.14
C LEU C 185 0.67 -19.15 32.41
N TYR C 186 -0.54 -18.89 31.92
CA TYR C 186 -1.22 -17.61 32.10
C TYR C 186 -1.80 -17.39 33.49
N THR C 187 -1.73 -16.15 33.94
CA THR C 187 -2.42 -15.78 35.14
C THR C 187 -3.15 -14.47 34.91
N LEU C 188 -4.39 -14.41 35.40
CA LEU C 188 -5.28 -13.28 35.14
C LEU C 188 -6.05 -12.90 36.42
N SER C 189 -6.63 -11.71 36.41
CA SER C 189 -7.32 -11.19 37.59
C SER C 189 -8.43 -10.23 37.20
N SER C 190 -9.50 -10.20 37.98
CA SER C 190 -10.58 -9.25 37.74
C SER C 190 -10.97 -8.62 39.06
N SER C 191 -11.48 -7.40 38.99
CA SER C 191 -11.90 -6.72 40.20
C SER C 191 -13.27 -6.12 40.01
N VAL C 192 -14.09 -6.18 41.04
CA VAL C 192 -15.36 -5.46 41.07
C VAL C 192 -15.25 -4.54 42.22
N THR C 193 -15.78 -3.35 42.06
CA THR C 193 -15.97 -2.48 43.21
C THR C 193 -17.45 -2.16 43.28
N VAL C 194 -17.99 -2.17 44.50
CA VAL C 194 -19.39 -1.92 44.69
C VAL C 194 -19.57 -1.03 45.88
N THR C 195 -20.75 -0.41 46.00
CA THR C 195 -21.10 0.37 47.19
C THR C 195 -21.01 -0.55 48.39
N SER C 196 -20.40 -0.11 49.48
CA SER C 196 -20.22 -1.00 50.63
C SER C 196 -21.53 -1.51 51.23
N SER C 197 -22.63 -0.88 50.86
CA SER C 197 -23.95 -1.34 51.28
C SER C 197 -24.25 -2.70 50.69
N THR C 198 -23.62 -3.01 49.56
CA THR C 198 -23.85 -4.30 48.89
C THR C 198 -22.87 -5.44 49.16
N TRP C 199 -21.75 -5.18 49.81
CA TRP C 199 -20.91 -6.27 50.24
C TRP C 199 -20.37 -5.90 51.60
N PRO C 200 -20.26 -6.89 52.49
CA PRO C 200 -20.57 -8.33 52.40
C PRO C 200 -22.06 -8.62 52.29
N SER C 201 -22.88 -7.60 52.49
CA SER C 201 -24.33 -7.75 52.57
C SER C 201 -24.90 -8.71 51.53
N GLN C 202 -24.81 -8.33 50.26
CA GLN C 202 -25.24 -9.23 49.17
C GLN C 202 -24.19 -10.28 48.79
N SER C 203 -24.64 -11.41 48.26
CA SER C 203 -23.71 -12.43 47.80
C SER C 203 -23.04 -12.06 46.46
N ILE C 204 -21.71 -12.10 46.44
CA ILE C 204 -20.96 -11.79 45.21
C ILE C 204 -19.94 -12.87 44.86
N THR C 205 -20.11 -13.48 43.70
CA THR C 205 -19.24 -14.61 43.35
C THR C 205 -18.55 -14.46 41.98
N CYS C 206 -17.37 -15.05 41.85
CA CYS C 206 -16.59 -15.09 40.61
C CYS C 206 -16.98 -16.30 39.76
N ASN C 207 -17.23 -16.12 38.46
CA ASN C 207 -17.41 -17.27 37.58
C ASN C 207 -16.30 -17.37 36.56
N VAL C 208 -15.67 -18.53 36.50
CA VAL C 208 -14.52 -18.73 35.62
C VAL C 208 -14.68 -19.96 34.74
N ALA C 209 -14.82 -19.75 33.43
CA ALA C 209 -14.86 -20.86 32.50
C ALA C 209 -13.61 -20.87 31.64
N HIS C 210 -13.06 -22.04 31.46
CA HIS C 210 -11.88 -22.24 30.64
C HIS C 210 -12.14 -23.56 29.90
N PRO C 211 -12.87 -23.47 28.78
CA PRO C 211 -13.38 -24.62 28.02
C PRO C 211 -12.31 -25.64 27.62
N ALA C 212 -11.09 -25.16 27.38
CA ALA C 212 -9.97 -26.01 27.00
C ALA C 212 -9.87 -27.20 27.94
N SER C 213 -9.86 -26.94 29.24
CA SER C 213 -9.81 -28.02 30.23
C SER C 213 -11.22 -28.46 30.60
N SER C 214 -12.20 -27.87 29.92
CA SER C 214 -13.60 -28.12 30.23
C SER C 214 -13.89 -27.91 31.73
N THR C 215 -13.69 -26.68 32.20
CA THR C 215 -14.02 -26.34 33.60
C THR C 215 -14.77 -25.01 33.80
N LYS C 216 -15.75 -25.05 34.70
CA LYS C 216 -16.42 -23.87 35.25
C LYS C 216 -16.25 -23.90 36.77
N VAL C 217 -15.67 -22.83 37.31
CA VAL C 217 -15.55 -22.68 38.75
C VAL C 217 -16.25 -21.40 39.16
N ASP C 218 -17.00 -21.47 40.25
CA ASP C 218 -17.65 -20.30 40.81
C ASP C 218 -17.12 -20.17 42.22
N LYS C 219 -16.34 -19.13 42.49
CA LYS C 219 -15.98 -18.83 43.88
C LYS C 219 -16.70 -17.62 44.45
N LYS C 220 -17.35 -17.83 45.60
CA LYS C 220 -17.98 -16.75 46.33
C LYS C 220 -16.90 -15.97 47.04
N ILE C 221 -16.98 -14.64 47.01
CA ILE C 221 -16.02 -13.88 47.79
C ILE C 221 -16.59 -13.60 49.18
N GLU C 222 -15.88 -14.09 50.21
CA GLU C 222 -16.31 -13.98 51.60
C GLU C 222 -15.32 -13.22 52.45
N PRO C 223 -15.82 -12.46 53.44
CA PRO C 223 -14.99 -11.73 54.39
C PRO C 223 -13.94 -12.64 55.01
N ARG C 224 -12.77 -12.10 55.30
CA ARG C 224 -11.72 -12.89 55.93
C ARG C 224 -11.97 -13.04 57.44
N GLY C 225 -11.11 -13.77 58.12
CA GLY C 225 -11.19 -13.93 59.56
C GLY C 225 -12.37 -13.27 60.25
#